data_7DHX
#
_entry.id   7DHX
#
_cell.length_a   139.996
_cell.length_b   97.564
_cell.length_c   90.982
_cell.angle_alpha   90.000
_cell.angle_beta   129.154
_cell.angle_gamma   90.000
#
_symmetry.space_group_name_H-M   'C 1 2 1'
#
loop_
_entity.id
_entity.type
_entity.pdbx_description
1 polymer 'pangolin ACE2'
2 polymer 'Spike glycoprotein'
3 non-polymer 2-acetamido-2-deoxy-beta-D-glucopyranose
4 non-polymer 'ZINC ION'
5 water water
#
loop_
_entity_poly.entity_id
_entity_poly.type
_entity_poly.pdbx_seq_one_letter_code
_entity_poly.pdbx_strand_id
1 'polypeptide(L)'
;QSTSDEEAKTFLEKFNSEAEELSYQSSLASWNYNTNITDENVQKMNVAGAKWSTFYEEQSKIAKNYQLQNIQNDTIKRQL
QALQLSGSSALSADKNQRLNTILNTMSTIYSTGKVCNPGNPQECSLLEPGLDNIMESSKDYNERLWAWEGWRSEVGKQLR
PLYEEYVVLKNEMARANHYEDYGDYWRGDYEAEGANGYNYSRDHLIEDVEHIFTQIKPLYEHLHAYVRAKLMDNYPSHIS
PTGCLPAHLLGDMWGRFWTNLYPLTVPFRQKPNIDVTDAMVNQTWDANRIFKEAEKFFVSVGLPKMTQTFWENSMLTEPG
DGRKVVCHPTAWDLGKHDFRIKMCTKVTMDDFLTAHHEMGHIQYDMAYAMQPYLLRNGANEGFHEAVGEIMSLSAATPKH
LKNIGLLPPDFYEDNETEINFLLKQALTIVGTLPFTYMLEKWRWMVFSGQIPKEQWMKKWWEMKREIVGVVEPVPHDETY
CDPASLFHVANDYSFIRYYTRTIYQFQFQEALCQTAKHEGPLHKCDISNSAEAGQKLLQMLSLGKSKPWTLALERVVGTK
NMDVRPLLNYFEPLLTWLKEQNKNSFVGWNTDWSPYAHHHH
;
A
2 'polypeptide(L)'
;RVQPTESIVRFPNITNLCPFGEVFNATRFASVYAWNRKRISNCVADYSVLYNSASFSTFKCYGVSPTKLNDLCFTNVYAD
SFVIRGDEVRQIAPGQTGKIADYNYKLPDDFTGCVIAWNSNNLDSKVGGNYNYLYRLFRKSNLKPFERDISTEIYQAGST
PCNGVEGFNCYFPLQSYGFQPTNGVGYQPYRVVVLSFELLHAPATVCGP
;
B
#
loop_
_chem_comp.id
_chem_comp.type
_chem_comp.name
_chem_comp.formula
NAG D-saccharide, beta linking 2-acetamido-2-deoxy-beta-D-glucopyranose 'C8 H15 N O6'
ZN non-polymer 'ZINC ION' 'Zn 2'
#
# COMPACT_ATOMS: atom_id res chain seq x y z
N SER A 2 7.25 -35.82 6.51
CA SER A 2 7.42 -34.51 5.88
C SER A 2 6.26 -34.22 4.93
N THR A 3 5.15 -33.73 5.48
CA THR A 3 4.00 -33.41 4.66
C THR A 3 4.28 -32.15 3.83
N SER A 4 3.50 -31.99 2.76
CA SER A 4 3.73 -30.88 1.83
C SER A 4 3.54 -29.53 2.49
N ASP A 5 2.60 -29.43 3.43
CA ASP A 5 2.34 -28.16 4.10
C ASP A 5 3.54 -27.69 4.91
N GLU A 6 4.22 -28.63 5.59
CA GLU A 6 5.28 -28.27 6.52
C GLU A 6 6.59 -27.93 5.80
N GLU A 7 6.89 -28.63 4.70
CA GLU A 7 8.08 -28.30 3.92
C GLU A 7 8.03 -26.85 3.44
N ALA A 8 6.92 -26.49 2.79
CA ALA A 8 6.80 -25.15 2.20
C ALA A 8 6.73 -24.07 3.27
N LYS A 9 6.11 -24.36 4.41
CA LYS A 9 6.10 -23.39 5.50
C LYS A 9 7.50 -23.15 6.03
N THR A 10 8.31 -24.21 6.12
CA THR A 10 9.71 -24.05 6.51
C THR A 10 10.46 -23.19 5.49
N PHE A 11 10.16 -23.37 4.20
CA PHE A 11 10.74 -22.52 3.17
C PHE A 11 10.30 -21.08 3.33
N LEU A 12 8.99 -20.87 3.58
CA LEU A 12 8.49 -19.52 3.75
C LEU A 12 9.07 -18.86 5.00
N GLU A 13 9.34 -19.63 6.05
CA GLU A 13 9.97 -19.07 7.24
C GLU A 13 11.37 -18.57 6.93
N LYS A 14 12.14 -19.34 6.16
CA LYS A 14 13.46 -18.89 5.75
C LYS A 14 13.35 -17.70 4.79
N PHE A 15 12.36 -17.73 3.89
CA PHE A 15 12.15 -16.61 2.98
C PHE A 15 11.80 -15.34 3.75
N ASN A 16 10.86 -15.46 4.69
CA ASN A 16 10.39 -14.28 5.42
C ASN A 16 11.49 -13.65 6.25
N SER A 17 12.37 -14.46 6.85
CA SER A 17 13.42 -13.91 7.69
C SER A 17 14.46 -13.16 6.88
N GLU A 18 14.69 -13.55 5.63
CA GLU A 18 15.63 -12.86 4.77
C GLU A 18 14.98 -11.76 3.94
N ALA A 19 13.69 -11.91 3.62
CA ALA A 19 13.02 -10.90 2.79
C ALA A 19 12.84 -9.59 3.56
N GLU A 20 12.56 -9.68 4.87
CA GLU A 20 12.30 -8.47 5.63
C GLU A 20 13.52 -7.56 5.71
N GLU A 21 14.72 -8.12 5.69
CA GLU A 21 15.93 -7.30 5.73
C GLU A 21 16.23 -6.69 4.37
N LEU A 22 16.24 -7.52 3.31
CA LEU A 22 16.54 -7.02 1.98
C LEU A 22 15.48 -6.04 1.50
N SER A 23 14.21 -6.32 1.79
CA SER A 23 13.16 -5.38 1.42
C SER A 23 13.27 -4.06 2.18
N TYR A 24 13.72 -4.14 3.44
CA TYR A 24 13.88 -2.92 4.23
C TYR A 24 15.01 -2.06 3.68
N GLN A 25 16.18 -2.67 3.42
CA GLN A 25 17.30 -1.92 2.86
C GLN A 25 16.92 -1.29 1.52
N SER A 26 16.10 -1.97 0.73
CA SER A 26 15.65 -1.41 -0.53
C SER A 26 14.71 -0.24 -0.31
N SER A 27 13.80 -0.35 0.66
CA SER A 27 12.88 0.75 0.95
C SER A 27 13.62 1.93 1.57
N LEU A 28 14.61 1.66 2.42
CA LEU A 28 15.34 2.74 3.07
C LEU A 28 16.18 3.52 2.07
N ALA A 29 16.88 2.82 1.17
CA ALA A 29 17.64 3.50 0.14
C ALA A 29 16.73 4.31 -0.79
N SER A 30 15.59 3.72 -1.16
CA SER A 30 14.62 4.45 -1.98
C SER A 30 14.10 5.69 -1.24
N TRP A 31 13.90 5.56 0.08
CA TRP A 31 13.48 6.71 0.86
C TRP A 31 14.56 7.79 0.89
N ASN A 32 15.82 7.38 1.06
CA ASN A 32 16.91 8.33 1.12
C ASN A 32 17.11 9.07 -0.19
N TYR A 33 16.65 8.50 -1.31
CA TYR A 33 16.71 9.22 -2.58
C TYR A 33 15.51 10.16 -2.73
N ASN A 34 14.31 9.67 -2.44
CA ASN A 34 13.11 10.48 -2.59
C ASN A 34 13.08 11.67 -1.64
N THR A 35 13.90 11.65 -0.58
CA THR A 35 13.98 12.77 0.35
C THR A 35 15.32 13.50 0.28
N ASN A 36 16.28 12.99 -0.49
CA ASN A 36 17.57 13.66 -0.69
C ASN A 36 18.05 13.25 -2.08
N ILE A 37 17.71 14.06 -3.08
CA ILE A 37 17.95 13.71 -4.48
C ILE A 37 19.38 14.10 -4.82
N THR A 38 20.28 13.13 -4.76
CA THR A 38 21.67 13.31 -5.16
C THR A 38 22.09 12.16 -6.05
N ASP A 39 23.15 12.39 -6.83
CA ASP A 39 23.71 11.32 -7.64
C ASP A 39 24.27 10.19 -6.78
N GLU A 40 24.69 10.51 -5.55
CA GLU A 40 25.19 9.47 -4.66
C GLU A 40 24.10 8.48 -4.28
N ASN A 41 22.89 8.97 -4.01
CA ASN A 41 21.82 8.11 -3.52
C ASN A 41 21.01 7.44 -4.62
N VAL A 42 21.21 7.83 -5.89
CA VAL A 42 20.63 7.06 -6.98
C VAL A 42 21.29 5.69 -7.07
N GLN A 43 22.62 5.65 -7.01
CA GLN A 43 23.34 4.40 -7.14
C GLN A 43 23.08 3.48 -5.95
N LYS A 44 23.05 4.04 -4.73
CA LYS A 44 22.70 3.23 -3.57
C LYS A 44 21.29 2.67 -3.71
N MET A 45 20.35 3.47 -4.22
CA MET A 45 18.99 2.99 -4.44
C MET A 45 18.97 1.91 -5.52
N ASN A 46 19.82 2.05 -6.54
CA ASN A 46 19.87 1.05 -7.60
C ASN A 46 20.51 -0.24 -7.11
N VAL A 47 21.60 -0.14 -6.35
CA VAL A 47 22.27 -1.33 -5.86
C VAL A 47 21.40 -2.04 -4.83
N ALA A 48 20.80 -1.29 -3.90
CA ALA A 48 19.92 -1.91 -2.92
C ALA A 48 18.69 -2.52 -3.59
N GLY A 49 18.17 -1.86 -4.63
CA GLY A 49 17.07 -2.43 -5.37
C GLY A 49 17.45 -3.63 -6.20
N ALA A 50 18.70 -3.68 -6.66
CA ALA A 50 19.13 -4.79 -7.51
C ALA A 50 19.32 -6.07 -6.70
N LYS A 51 19.91 -5.97 -5.51
CA LYS A 51 20.10 -7.14 -4.67
C LYS A 51 18.80 -7.65 -4.06
N TRP A 52 17.81 -6.77 -3.89
CA TRP A 52 16.48 -7.23 -3.49
C TRP A 52 15.76 -7.91 -4.65
N SER A 53 15.91 -7.37 -5.86
CA SER A 53 15.33 -8.01 -7.04
C SER A 53 16.03 -9.34 -7.35
N THR A 54 17.36 -9.35 -7.27
CA THR A 54 18.10 -10.59 -7.47
C THR A 54 17.65 -11.67 -6.49
N PHE A 55 17.42 -11.28 -5.23
CA PHE A 55 17.01 -12.24 -4.22
C PHE A 55 15.62 -12.81 -4.53
N TYR A 56 14.68 -11.94 -4.91
CA TYR A 56 13.31 -12.39 -5.16
C TYR A 56 13.23 -13.30 -6.36
N GLU A 57 13.98 -12.99 -7.43
CA GLU A 57 14.01 -13.86 -8.60
C GLU A 57 14.45 -15.27 -8.23
N GLU A 58 15.50 -15.37 -7.41
CA GLU A 58 16.04 -16.68 -7.02
C GLU A 58 15.06 -17.44 -6.13
N GLN A 59 14.43 -16.74 -5.17
CA GLN A 59 13.45 -17.37 -4.32
C GLN A 59 12.20 -17.77 -5.09
N SER A 60 11.85 -17.01 -6.14
CA SER A 60 10.70 -17.35 -6.95
C SER A 60 10.89 -18.68 -7.66
N LYS A 61 12.12 -19.01 -8.06
CA LYS A 61 12.37 -20.27 -8.74
C LYS A 61 12.37 -21.44 -7.77
N ILE A 62 12.94 -21.26 -6.56
CA ILE A 62 12.85 -22.31 -5.54
C ILE A 62 11.40 -22.54 -5.15
N ALA A 63 10.59 -21.47 -5.10
CA ALA A 63 9.22 -21.58 -4.65
C ALA A 63 8.34 -22.40 -5.58
N LYS A 64 8.69 -22.48 -6.87
CA LYS A 64 7.87 -23.20 -7.84
C LYS A 64 7.89 -24.71 -7.64
N ASN A 65 8.80 -25.23 -6.82
CA ASN A 65 8.87 -26.66 -6.58
C ASN A 65 7.84 -27.14 -5.56
N TYR A 66 7.11 -26.23 -4.94
CA TYR A 66 6.02 -26.59 -4.02
C TYR A 66 4.71 -26.41 -4.78
N GLN A 67 4.19 -27.51 -5.32
CA GLN A 67 2.95 -27.48 -6.10
C GLN A 67 1.79 -27.00 -5.27
N LEU A 68 1.08 -26.00 -5.77
CA LEU A 68 -0.04 -25.45 -5.03
C LEU A 68 -1.12 -26.50 -4.75
N GLN A 69 -1.35 -27.42 -5.68
CA GLN A 69 -2.42 -28.40 -5.52
C GLN A 69 -2.30 -29.21 -4.23
N ASN A 70 -1.08 -29.46 -3.78
CA ASN A 70 -0.86 -30.35 -2.65
C ASN A 70 -0.93 -29.66 -1.29
N ILE A 71 -1.15 -28.35 -1.25
CA ILE A 71 -1.12 -27.60 0.01
C ILE A 71 -2.53 -27.47 0.55
N GLN A 72 -2.74 -27.97 1.77
CA GLN A 72 -4.02 -27.85 2.45
C GLN A 72 -4.25 -26.45 2.99
N ASN A 73 -3.18 -25.75 3.36
CA ASN A 73 -3.26 -24.49 4.08
C ASN A 73 -3.38 -23.35 3.08
N ASP A 74 -4.55 -22.71 3.04
CA ASP A 74 -4.78 -21.65 2.06
C ASP A 74 -3.94 -20.42 2.36
N THR A 75 -3.61 -20.18 3.63
CA THR A 75 -2.70 -19.09 3.96
C THR A 75 -1.29 -19.37 3.44
N ILE A 76 -0.84 -20.61 3.58
CA ILE A 76 0.43 -21.00 2.96
C ILE A 76 0.32 -20.98 1.45
N LYS A 77 -0.83 -21.42 0.92
CA LYS A 77 -1.01 -21.50 -0.53
C LYS A 77 -0.95 -20.13 -1.18
N ARG A 78 -1.49 -19.12 -0.50
CA ARG A 78 -1.46 -17.76 -1.05
C ARG A 78 -0.03 -17.22 -1.13
N GLN A 79 0.77 -17.49 -0.09
CA GLN A 79 2.13 -16.97 -0.07
C GLN A 79 2.97 -17.57 -1.18
N LEU A 80 2.95 -18.90 -1.32
CA LEU A 80 3.66 -19.55 -2.40
C LEU A 80 3.17 -19.07 -3.76
N GLN A 81 1.87 -18.80 -3.88
CA GLN A 81 1.32 -18.35 -5.16
C GLN A 81 1.92 -17.02 -5.58
N ALA A 82 1.89 -16.02 -4.68
CA ALA A 82 2.44 -14.71 -5.00
C ALA A 82 3.93 -14.79 -5.27
N LEU A 83 4.65 -15.65 -4.54
CA LEU A 83 6.08 -15.80 -4.76
C LEU A 83 6.37 -16.56 -6.05
N GLN A 84 5.49 -17.49 -6.44
CA GLN A 84 5.71 -18.27 -7.64
C GLN A 84 5.44 -17.49 -8.92
N LEU A 85 4.75 -16.36 -8.83
CA LEU A 85 4.41 -15.58 -10.01
C LEU A 85 5.70 -15.03 -10.61
N SER A 86 6.13 -15.63 -11.72
CA SER A 86 7.43 -15.27 -12.29
C SER A 86 7.37 -13.91 -12.98
N GLY A 87 6.30 -13.63 -13.70
CA GLY A 87 6.22 -12.38 -14.43
C GLY A 87 7.18 -12.42 -15.61
N SER A 88 7.92 -11.32 -15.80
CA SER A 88 8.86 -11.22 -16.91
C SER A 88 10.03 -12.18 -16.80
N SER A 89 10.22 -12.81 -15.63
CA SER A 89 11.35 -13.73 -15.45
C SER A 89 11.13 -15.04 -16.18
N ALA A 90 9.90 -15.34 -16.61
CA ALA A 90 9.63 -16.57 -17.35
C ALA A 90 10.09 -16.47 -18.81
N LEU A 91 10.38 -15.28 -19.31
CA LEU A 91 10.93 -15.13 -20.64
C LEU A 91 12.42 -15.46 -20.63
N SER A 92 12.93 -15.81 -21.81
CA SER A 92 14.37 -15.98 -21.96
C SER A 92 15.07 -14.65 -21.68
N ALA A 93 16.32 -14.75 -21.20
CA ALA A 93 17.06 -13.56 -20.79
C ALA A 93 17.17 -12.54 -21.91
N ASP A 94 17.28 -13.00 -23.16
CA ASP A 94 17.37 -12.06 -24.28
C ASP A 94 16.03 -11.39 -24.55
N LYS A 95 14.92 -12.14 -24.44
CA LYS A 95 13.61 -11.56 -24.70
C LYS A 95 13.17 -10.63 -23.59
N ASN A 96 13.55 -10.92 -22.34
CA ASN A 96 13.28 -9.98 -21.26
C ASN A 96 14.06 -8.68 -21.43
N GLN A 97 15.27 -8.77 -21.99
CA GLN A 97 16.07 -7.57 -22.19
C GLN A 97 15.53 -6.73 -23.34
N ARG A 98 15.01 -7.37 -24.38
CA ARG A 98 14.38 -6.62 -25.46
C ARG A 98 13.13 -5.90 -24.97
N LEU A 99 12.31 -6.58 -24.17
CA LEU A 99 11.11 -5.95 -23.61
C LEU A 99 11.47 -4.79 -22.69
N ASN A 100 12.52 -4.96 -21.88
CA ASN A 100 12.98 -3.86 -21.03
C ASN A 100 13.43 -2.67 -21.87
N THR A 101 14.15 -2.93 -22.97
CA THR A 101 14.53 -1.86 -23.87
C THR A 101 13.31 -1.20 -24.51
N ILE A 102 12.32 -2.03 -24.88
CA ILE A 102 11.09 -1.50 -25.48
C ILE A 102 10.36 -0.60 -24.47
N LEU A 103 10.14 -1.12 -23.26
CA LEU A 103 9.40 -0.37 -22.25
C LEU A 103 10.13 0.91 -21.86
N ASN A 104 11.46 0.89 -21.84
CA ASN A 104 12.22 2.09 -21.49
C ASN A 104 12.25 3.11 -22.63
N THR A 105 12.05 2.68 -23.87
CA THR A 105 12.01 3.62 -24.98
C THR A 105 10.65 4.31 -25.08
N MET A 106 9.57 3.53 -24.89
CA MET A 106 8.24 4.13 -24.87
C MET A 106 8.09 5.13 -23.73
N SER A 107 8.58 4.76 -22.53
CA SER A 107 8.54 5.68 -21.41
C SER A 107 9.39 6.92 -21.66
N THR A 108 10.54 6.75 -22.31
CA THR A 108 11.39 7.89 -22.64
C THR A 108 10.75 8.78 -23.69
N ILE A 109 10.11 8.16 -24.70
CA ILE A 109 9.44 8.94 -25.74
C ILE A 109 8.32 9.77 -25.15
N TYR A 110 7.58 9.20 -24.18
CA TYR A 110 6.42 9.88 -23.61
C TYR A 110 6.84 11.16 -22.87
N SER A 111 7.84 11.06 -22.00
CA SER A 111 8.22 12.19 -21.16
C SER A 111 9.10 13.20 -21.87
N THR A 112 9.63 12.88 -23.06
CA THR A 112 10.42 13.81 -23.84
C THR A 112 9.71 14.29 -25.09
N GLY A 113 8.49 13.86 -25.33
CA GLY A 113 7.78 14.25 -26.54
C GLY A 113 7.43 15.72 -26.54
N LYS A 114 7.65 16.36 -27.68
CA LYS A 114 7.36 17.77 -27.86
C LYS A 114 6.44 17.96 -29.06
N VAL A 115 5.78 19.11 -29.11
CA VAL A 115 4.87 19.47 -30.19
C VAL A 115 5.21 20.88 -30.63
N CYS A 116 5.55 21.05 -31.91
CA CYS A 116 6.02 22.32 -32.43
C CYS A 116 5.01 22.89 -33.42
N ASN A 117 4.53 24.09 -33.06
CA ASN A 117 3.48 24.86 -33.76
C ASN A 117 3.93 25.51 -35.06
N PRO A 118 3.03 26.29 -35.68
CA PRO A 118 3.28 26.96 -36.97
C PRO A 118 4.42 27.98 -37.00
N GLN A 122 9.91 26.51 -33.87
CA GLN A 122 11.02 26.34 -32.90
C GLN A 122 10.44 26.14 -31.50
N GLU A 123 9.64 27.10 -31.02
CA GLU A 123 9.02 27.02 -29.68
C GLU A 123 8.10 25.81 -29.62
N CYS A 124 8.44 24.82 -28.77
CA CYS A 124 7.64 23.61 -28.63
C CYS A 124 7.31 23.39 -27.17
N SER A 125 6.16 22.78 -26.93
CA SER A 125 5.70 22.45 -25.59
C SER A 125 5.87 20.97 -25.32
N LEU A 126 6.33 20.65 -24.11
CA LEU A 126 6.26 19.29 -23.62
C LEU A 126 4.83 19.00 -23.15
N LEU A 127 4.57 17.77 -22.73
CA LEU A 127 3.30 17.48 -22.08
C LEU A 127 3.20 18.26 -20.76
N GLU A 128 4.14 18.03 -19.86
CA GLU A 128 4.23 18.78 -18.62
C GLU A 128 5.20 19.93 -18.79
N PRO A 129 4.78 21.19 -18.63
CA PRO A 129 3.40 21.58 -18.34
C PRO A 129 2.68 22.22 -19.52
N GLY A 130 3.39 22.40 -20.64
CA GLY A 130 2.88 23.15 -21.78
C GLY A 130 1.58 22.63 -22.36
N LEU A 131 1.59 21.42 -22.89
CA LEU A 131 0.40 20.87 -23.54
C LEU A 131 -0.72 20.63 -22.52
N ASP A 132 -0.36 20.20 -21.31
CA ASP A 132 -1.34 20.04 -20.26
C ASP A 132 -2.10 21.34 -20.02
N ASN A 133 -1.38 22.39 -19.61
CA ASN A 133 -1.98 23.69 -19.31
C ASN A 133 -3.01 24.10 -20.36
N ILE A 134 -2.74 23.81 -21.63
CA ILE A 134 -3.70 24.11 -22.69
C ILE A 134 -4.93 23.21 -22.55
N MET A 135 -4.72 21.91 -22.32
CA MET A 135 -5.82 20.97 -22.34
C MET A 135 -6.71 21.06 -21.09
N GLU A 136 -6.20 21.59 -19.97
CA GLU A 136 -7.02 21.71 -18.79
C GLU A 136 -7.67 23.09 -18.63
N SER A 137 -7.17 24.11 -19.32
CA SER A 137 -7.65 25.47 -19.10
C SER A 137 -8.21 26.16 -20.33
N SER A 138 -7.76 25.82 -21.54
CA SER A 138 -8.17 26.54 -22.72
C SER A 138 -9.64 26.28 -23.05
N LYS A 139 -10.34 27.34 -23.45
CA LYS A 139 -11.72 27.26 -23.92
C LYS A 139 -11.81 27.52 -25.42
N ASP A 140 -10.69 27.49 -26.13
CA ASP A 140 -10.63 27.75 -27.56
C ASP A 140 -10.58 26.42 -28.31
N TYR A 141 -11.45 26.27 -29.30
CA TYR A 141 -11.56 25.00 -30.01
C TYR A 141 -10.28 24.67 -30.77
N ASN A 142 -9.74 25.64 -31.51
CA ASN A 142 -8.62 25.35 -32.40
C ASN A 142 -7.30 25.22 -31.65
N GLU A 143 -7.15 25.90 -30.51
CA GLU A 143 -5.92 25.74 -29.73
C GLU A 143 -5.87 24.37 -29.06
N ARG A 144 -6.99 23.90 -28.53
CA ARG A 144 -7.05 22.57 -27.97
C ARG A 144 -6.88 21.49 -29.04
N LEU A 145 -7.37 21.76 -30.25
CA LEU A 145 -7.24 20.79 -31.33
C LEU A 145 -5.79 20.61 -31.77
N TRP A 146 -5.03 21.72 -31.82
CA TRP A 146 -3.63 21.62 -32.20
C TRP A 146 -2.83 20.81 -31.18
N ALA A 147 -3.12 21.01 -29.89
CA ALA A 147 -2.42 20.24 -28.87
C ALA A 147 -2.85 18.78 -28.86
N TRP A 148 -4.15 18.53 -29.07
CA TRP A 148 -4.65 17.16 -29.03
C TRP A 148 -4.11 16.33 -30.19
N GLU A 149 -4.28 16.82 -31.42
CA GLU A 149 -3.77 16.08 -32.57
C GLU A 149 -2.25 16.11 -32.63
N GLY A 150 -1.62 17.20 -32.15
CA GLY A 150 -0.18 17.26 -32.15
C GLY A 150 0.46 16.23 -31.24
N TRP A 151 -0.12 16.04 -30.05
CA TRP A 151 0.43 15.04 -29.12
C TRP A 151 0.32 13.64 -29.69
N ARG A 152 -0.75 13.34 -30.41
CA ARG A 152 -0.99 12.00 -30.91
C ARG A 152 -0.31 11.71 -32.24
N SER A 153 0.03 12.74 -33.01
CA SER A 153 0.68 12.54 -34.30
C SER A 153 2.20 12.61 -34.21
N GLU A 154 2.75 13.18 -33.14
CA GLU A 154 4.20 13.20 -32.91
C GLU A 154 4.66 12.13 -31.94
N VAL A 155 3.97 11.98 -30.82
CA VAL A 155 4.35 11.00 -29.80
C VAL A 155 3.70 9.66 -30.05
N GLY A 156 2.37 9.65 -30.23
CA GLY A 156 1.67 8.38 -30.43
C GLY A 156 2.13 7.63 -31.67
N LYS A 157 2.52 8.36 -32.73
CA LYS A 157 3.01 7.71 -33.93
C LYS A 157 4.35 7.04 -33.69
N GLN A 158 5.19 7.65 -32.85
CA GLN A 158 6.47 7.02 -32.49
C GLN A 158 6.23 5.74 -31.70
N LEU A 159 5.20 5.73 -30.87
CA LEU A 159 4.90 4.58 -30.02
C LEU A 159 4.20 3.45 -30.77
N ARG A 160 3.71 3.69 -31.98
CA ARG A 160 2.96 2.66 -32.69
C ARG A 160 3.79 1.42 -32.98
N PRO A 161 4.98 1.50 -33.59
CA PRO A 161 5.74 0.26 -33.82
C PRO A 161 6.26 -0.38 -32.55
N LEU A 162 6.64 0.41 -31.55
CA LEU A 162 7.13 -0.14 -30.30
C LEU A 162 6.02 -0.87 -29.53
N TYR A 163 4.80 -0.30 -29.56
CA TYR A 163 3.71 -0.93 -28.83
C TYR A 163 3.28 -2.24 -29.48
N GLU A 164 3.46 -2.37 -30.80
CA GLU A 164 3.16 -3.63 -31.46
C GLU A 164 4.08 -4.74 -30.96
N GLU A 165 5.38 -4.44 -30.84
CA GLU A 165 6.32 -5.43 -30.31
C GLU A 165 6.16 -5.60 -28.80
N TYR A 166 5.68 -4.55 -28.12
CA TYR A 166 5.42 -4.66 -26.68
C TYR A 166 4.31 -5.68 -26.42
N VAL A 167 3.32 -5.76 -27.29
CA VAL A 167 2.22 -6.70 -27.12
C VAL A 167 2.71 -8.13 -27.33
N VAL A 168 3.60 -8.34 -28.31
CA VAL A 168 4.07 -9.68 -28.62
C VAL A 168 4.83 -10.27 -27.43
N LEU A 169 5.78 -9.51 -26.88
CA LEU A 169 6.61 -10.03 -25.80
C LEU A 169 5.83 -10.14 -24.49
N LYS A 170 4.80 -9.30 -24.30
CA LYS A 170 3.98 -9.42 -23.10
C LYS A 170 3.09 -10.64 -23.15
N ASN A 171 2.46 -10.90 -24.30
CA ASN A 171 1.67 -12.11 -24.46
C ASN A 171 2.54 -13.35 -24.35
N GLU A 172 3.75 -13.29 -24.90
CA GLU A 172 4.69 -14.40 -24.75
C GLU A 172 5.03 -14.65 -23.28
N MET A 173 5.20 -13.57 -22.51
CA MET A 173 5.47 -13.71 -21.08
C MET A 173 4.29 -14.32 -20.36
N ALA A 174 3.07 -13.84 -20.66
CA ALA A 174 1.88 -14.36 -20.00
C ALA A 174 1.63 -15.81 -20.41
N ARG A 175 1.92 -16.16 -21.66
CA ARG A 175 1.78 -17.55 -22.07
C ARG A 175 2.79 -18.44 -21.36
N ALA A 176 3.99 -17.92 -21.12
CA ALA A 176 4.98 -18.67 -20.34
C ALA A 176 4.54 -18.85 -18.90
N ASN A 177 3.75 -17.90 -18.38
CA ASN A 177 3.17 -18.01 -17.04
C ASN A 177 1.81 -18.71 -17.07
N HIS A 178 1.45 -19.32 -18.19
CA HIS A 178 0.22 -20.11 -18.32
C HIS A 178 -1.03 -19.24 -18.14
N TYR A 179 -1.09 -18.15 -18.91
CA TYR A 179 -2.29 -17.34 -19.05
C TYR A 179 -2.66 -17.25 -20.52
N GLU A 180 -3.90 -16.87 -20.77
CA GLU A 180 -4.37 -16.63 -22.15
C GLU A 180 -3.43 -15.67 -22.87
N ASP A 181 -3.24 -14.49 -22.27
CA ASP A 181 -2.50 -13.40 -22.88
C ASP A 181 -2.16 -12.42 -21.77
N TYR A 182 -1.59 -11.27 -22.13
CA TYR A 182 -1.22 -10.28 -21.14
C TYR A 182 -2.43 -9.73 -20.40
N GLY A 183 -3.58 -9.63 -21.09
CA GLY A 183 -4.78 -9.15 -20.43
C GLY A 183 -5.29 -10.10 -19.37
N ASP A 184 -5.35 -11.39 -19.70
CA ASP A 184 -5.76 -12.39 -18.72
C ASP A 184 -4.78 -12.47 -17.56
N TYR A 185 -3.51 -12.16 -17.82
CA TYR A 185 -2.52 -12.12 -16.76
C TYR A 185 -2.81 -10.99 -15.77
N TRP A 186 -3.22 -9.83 -16.29
CA TRP A 186 -3.57 -8.70 -15.43
C TRP A 186 -4.80 -9.01 -14.59
N ARG A 187 -5.80 -9.66 -15.19
CA ARG A 187 -7.02 -10.01 -14.48
C ARG A 187 -6.79 -11.02 -13.36
N GLY A 188 -5.59 -11.59 -13.26
CA GLY A 188 -5.30 -12.53 -12.18
C GLY A 188 -5.23 -11.89 -10.82
N ASP A 189 -5.07 -10.56 -10.76
CA ASP A 189 -5.06 -9.87 -9.47
C ASP A 189 -6.39 -9.99 -8.74
N TYR A 190 -7.47 -10.25 -9.46
CA TYR A 190 -8.79 -10.40 -8.87
C TYR A 190 -9.19 -11.86 -8.70
N GLU A 191 -8.31 -12.80 -8.99
CA GLU A 191 -8.62 -14.23 -8.89
C GLU A 191 -8.64 -14.63 -7.42
N ALA A 192 -9.82 -15.00 -6.92
CA ALA A 192 -9.97 -15.55 -5.58
C ALA A 192 -10.26 -17.04 -5.76
N GLU A 193 -9.49 -17.86 -5.09
CA GLU A 193 -9.83 -19.29 -4.92
C GLU A 193 -9.99 -19.52 -3.42
N GLY A 194 -11.18 -19.53 -2.84
CA GLY A 194 -11.19 -19.74 -1.39
C GLY A 194 -12.23 -20.74 -0.95
N ALA A 195 -12.96 -20.41 0.10
CA ALA A 195 -14.08 -21.27 0.56
C ALA A 195 -15.27 -21.17 -0.39
N ASN A 196 -16.29 -21.94 -0.11
CA ASN A 196 -17.51 -22.03 -0.94
C ASN A 196 -18.14 -20.68 -1.29
N GLY A 197 -18.04 -20.28 -2.56
CA GLY A 197 -18.82 -19.13 -2.98
C GLY A 197 -18.11 -17.80 -2.84
N TYR A 198 -16.87 -17.80 -2.35
CA TYR A 198 -15.97 -16.67 -2.43
C TYR A 198 -15.06 -16.75 -3.64
N ASN A 199 -15.27 -17.77 -4.49
CA ASN A 199 -14.47 -17.92 -5.69
C ASN A 199 -14.72 -16.78 -6.65
N TYR A 200 -13.67 -16.37 -7.36
CA TYR A 200 -13.77 -15.30 -8.34
C TYR A 200 -12.79 -15.61 -9.46
N SER A 201 -13.31 -15.88 -10.65
CA SER A 201 -12.47 -16.22 -11.79
C SER A 201 -12.03 -14.96 -12.52
N ARG A 202 -10.94 -15.09 -13.28
CA ARG A 202 -10.44 -13.97 -14.06
C ARG A 202 -11.41 -13.57 -15.16
N ASP A 203 -12.18 -14.52 -15.68
CA ASP A 203 -13.17 -14.22 -16.70
C ASP A 203 -14.44 -13.61 -16.13
N HIS A 204 -14.70 -13.81 -14.83
CA HIS A 204 -15.87 -13.19 -14.21
C HIS A 204 -15.67 -11.69 -14.02
N LEU A 205 -14.42 -11.24 -13.91
CA LEU A 205 -14.16 -9.81 -13.85
C LEU A 205 -14.68 -9.10 -15.08
N ILE A 206 -14.58 -9.76 -16.25
CA ILE A 206 -15.07 -9.17 -17.49
C ILE A 206 -16.58 -8.97 -17.42
N GLU A 207 -17.30 -9.96 -16.89
CA GLU A 207 -18.76 -9.83 -16.82
C GLU A 207 -19.18 -8.81 -15.75
N ASP A 208 -18.52 -8.83 -14.59
CA ASP A 208 -18.81 -7.84 -13.56
C ASP A 208 -18.59 -6.43 -14.09
N VAL A 209 -17.41 -6.18 -14.68
CA VAL A 209 -17.06 -4.85 -15.16
C VAL A 209 -18.04 -4.40 -16.24
N GLU A 210 -18.48 -5.32 -17.09
CA GLU A 210 -19.47 -4.97 -18.11
C GLU A 210 -20.85 -4.75 -17.50
N HIS A 211 -21.23 -5.59 -16.53
CA HIS A 211 -22.53 -5.43 -15.88
C HIS A 211 -22.60 -4.11 -15.11
N ILE A 212 -21.52 -3.77 -14.41
CA ILE A 212 -21.48 -2.50 -13.68
C ILE A 212 -21.61 -1.32 -14.63
N PHE A 213 -21.08 -1.44 -15.85
CA PHE A 213 -21.18 -0.36 -16.81
C PHE A 213 -22.63 -0.12 -17.23
N THR A 214 -23.40 -1.20 -17.43
CA THR A 214 -24.80 -1.03 -17.83
C THR A 214 -25.62 -0.36 -16.74
N GLN A 215 -25.33 -0.68 -15.48
CA GLN A 215 -25.99 -0.01 -14.36
C GLN A 215 -25.59 1.45 -14.22
N ILE A 216 -24.40 1.80 -14.70
CA ILE A 216 -23.92 3.18 -14.60
C ILE A 216 -24.38 4.04 -15.78
N LYS A 217 -24.59 3.42 -16.95
CA LYS A 217 -24.91 4.16 -18.17
C LYS A 217 -26.03 5.19 -18.01
N PRO A 218 -27.14 4.93 -17.31
CA PRO A 218 -28.14 5.99 -17.15
C PRO A 218 -27.62 7.24 -16.47
N LEU A 219 -26.87 7.09 -15.38
CA LEU A 219 -26.32 8.27 -14.70
C LEU A 219 -25.28 8.96 -15.58
N TYR A 220 -24.46 8.19 -16.28
CA TYR A 220 -23.45 8.78 -17.16
C TYR A 220 -24.10 9.51 -18.32
N GLU A 221 -25.19 8.94 -18.87
CA GLU A 221 -25.87 9.58 -20.00
C GLU A 221 -26.43 10.94 -19.60
N HIS A 222 -26.92 11.07 -18.37
CA HIS A 222 -27.47 12.34 -17.92
C HIS A 222 -26.37 13.36 -17.64
N LEU A 223 -25.25 12.91 -17.05
CA LEU A 223 -24.09 13.79 -16.90
C LEU A 223 -23.53 14.16 -18.27
N HIS A 224 -23.49 13.19 -19.19
CA HIS A 224 -23.01 13.47 -20.54
C HIS A 224 -23.91 14.47 -21.26
N ALA A 225 -25.23 14.33 -21.11
CA ALA A 225 -26.15 15.25 -21.77
C ALA A 225 -26.02 16.66 -21.21
N TYR A 226 -25.85 16.79 -19.89
CA TYR A 226 -25.71 18.11 -19.29
C TYR A 226 -24.40 18.77 -19.71
N VAL A 227 -23.31 18.00 -19.75
CA VAL A 227 -22.03 18.55 -20.20
C VAL A 227 -22.10 18.95 -21.66
N ARG A 228 -22.79 18.15 -22.48
CA ARG A 228 -22.90 18.46 -23.91
C ARG A 228 -23.62 19.78 -24.14
N ALA A 229 -24.72 20.02 -23.42
CA ALA A 229 -25.44 21.27 -23.58
C ALA A 229 -24.62 22.46 -23.12
N LYS A 230 -23.87 22.30 -22.03
CA LYS A 230 -23.03 23.39 -21.54
C LYS A 230 -21.87 23.65 -22.48
N LEU A 231 -21.29 22.60 -23.06
CA LEU A 231 -20.23 22.78 -24.04
C LEU A 231 -20.76 23.43 -25.32
N MET A 232 -22.01 23.14 -25.68
CA MET A 232 -22.61 23.77 -26.85
C MET A 232 -22.70 25.28 -26.69
N ASP A 233 -22.80 25.77 -25.46
CA ASP A 233 -22.81 27.21 -25.23
C ASP A 233 -21.46 27.83 -25.57
N ASN A 234 -20.37 27.20 -25.16
CA ASN A 234 -19.04 27.76 -25.33
C ASN A 234 -18.44 27.47 -26.71
N TYR A 235 -18.78 26.33 -27.32
CA TYR A 235 -18.31 25.97 -28.67
C TYR A 235 -19.53 25.83 -29.58
N PRO A 236 -20.23 26.93 -29.86
CA PRO A 236 -21.54 26.80 -30.53
C PRO A 236 -21.48 26.28 -31.96
N SER A 237 -20.36 26.45 -32.65
CA SER A 237 -20.28 26.04 -34.05
C SER A 237 -19.66 24.66 -34.22
N HIS A 238 -19.32 23.95 -33.14
CA HIS A 238 -18.65 22.67 -33.27
C HIS A 238 -19.37 21.51 -32.59
N ILE A 239 -20.40 21.76 -31.78
CA ILE A 239 -21.02 20.74 -30.95
C ILE A 239 -22.38 20.36 -31.53
N SER A 240 -22.69 19.06 -31.51
CA SER A 240 -23.97 18.54 -31.96
C SER A 240 -24.79 18.08 -30.77
N PRO A 241 -26.05 18.50 -30.66
CA PRO A 241 -26.86 18.16 -29.46
C PRO A 241 -27.18 16.68 -29.31
N THR A 242 -26.97 15.85 -30.33
CA THR A 242 -27.20 14.41 -30.20
C THR A 242 -25.95 13.59 -30.46
N GLY A 243 -24.81 14.22 -30.73
CA GLY A 243 -23.60 13.51 -31.05
C GLY A 243 -22.67 13.34 -29.85
N CYS A 244 -21.62 12.56 -30.07
CA CYS A 244 -20.59 12.38 -29.08
C CYS A 244 -19.84 13.70 -28.84
N LEU A 245 -19.17 13.77 -27.71
CA LEU A 245 -18.36 14.95 -27.40
C LEU A 245 -17.03 14.86 -28.15
N PRO A 246 -16.60 15.94 -28.82
CA PRO A 246 -15.26 15.94 -29.41
C PRO A 246 -14.21 15.63 -28.36
N ALA A 247 -13.32 14.70 -28.69
CA ALA A 247 -12.39 14.14 -27.71
C ALA A 247 -11.44 15.18 -27.12
N HIS A 248 -11.28 16.33 -27.77
CA HIS A 248 -10.30 17.32 -27.35
C HIS A 248 -10.89 18.45 -26.52
N LEU A 249 -12.16 18.35 -26.13
CA LEU A 249 -12.83 19.41 -25.38
C LEU A 249 -13.24 18.97 -23.98
N LEU A 250 -12.56 17.97 -23.41
CA LEU A 250 -13.06 17.29 -22.23
C LEU A 250 -12.36 17.67 -20.93
N GLY A 251 -11.33 18.51 -20.98
CA GLY A 251 -10.70 19.01 -19.78
C GLY A 251 -9.29 18.55 -19.53
N ASP A 252 -8.77 17.60 -20.30
CA ASP A 252 -7.36 17.25 -20.24
C ASP A 252 -6.98 16.64 -21.58
N MET A 253 -5.73 16.14 -21.68
CA MET A 253 -5.20 15.68 -22.96
C MET A 253 -5.98 14.50 -23.51
N TRP A 254 -6.61 13.70 -22.64
CA TRP A 254 -7.29 12.49 -23.06
C TRP A 254 -8.74 12.41 -22.66
N GLY A 255 -9.24 13.31 -21.83
CA GLY A 255 -10.59 13.21 -21.34
C GLY A 255 -10.79 12.17 -20.25
N ARG A 256 -9.72 11.81 -19.54
CA ARG A 256 -9.84 10.86 -18.44
C ARG A 256 -10.78 11.38 -17.35
N PHE A 257 -10.54 12.61 -16.91
CA PHE A 257 -11.42 13.29 -15.97
C PHE A 257 -12.05 14.50 -16.65
N TRP A 258 -13.30 14.79 -16.28
CA TRP A 258 -13.99 15.99 -16.72
C TRP A 258 -13.96 17.08 -15.65
N THR A 259 -13.04 16.97 -14.70
CA THR A 259 -12.98 17.93 -13.59
C THR A 259 -12.82 19.35 -14.08
N ASN A 260 -11.92 19.57 -15.05
CA ASN A 260 -11.61 20.92 -15.51
C ASN A 260 -12.72 21.54 -16.36
N LEU A 261 -13.81 20.82 -16.62
CA LEU A 261 -14.98 21.41 -17.25
C LEU A 261 -15.90 22.08 -16.24
N TYR A 262 -15.52 22.13 -14.96
CA TYR A 262 -16.37 22.74 -13.95
C TYR A 262 -16.64 24.22 -14.19
N PRO A 263 -15.69 25.06 -14.58
CA PRO A 263 -16.04 26.47 -14.87
C PRO A 263 -17.07 26.61 -15.97
N LEU A 264 -17.13 25.68 -16.91
CA LEU A 264 -18.11 25.71 -17.99
C LEU A 264 -19.42 25.04 -17.61
N THR A 265 -19.46 24.28 -16.52
CA THR A 265 -20.61 23.45 -16.20
C THR A 265 -21.14 23.61 -14.79
N VAL A 266 -20.60 24.53 -14.00
CA VAL A 266 -21.03 24.66 -12.60
C VAL A 266 -22.52 25.01 -12.57
N PRO A 267 -23.35 24.27 -11.82
CA PRO A 267 -24.79 24.54 -11.84
C PRO A 267 -25.18 25.91 -11.33
N PHE A 268 -24.44 26.46 -10.37
CA PHE A 268 -24.76 27.76 -9.78
C PHE A 268 -23.44 28.53 -9.66
N ARG A 269 -23.17 29.40 -10.64
CA ARG A 269 -21.85 30.01 -10.77
C ARG A 269 -21.57 31.07 -9.71
N GLN A 270 -22.60 31.60 -9.05
CA GLN A 270 -22.37 32.61 -8.01
C GLN A 270 -22.08 32.00 -6.65
N LYS A 271 -22.30 30.70 -6.48
CA LYS A 271 -22.02 30.02 -5.21
C LYS A 271 -20.58 29.55 -5.20
N PRO A 272 -19.72 30.10 -4.34
CA PRO A 272 -18.34 29.63 -4.26
C PRO A 272 -18.25 28.30 -3.54
N ASN A 273 -17.19 27.55 -3.88
CA ASN A 273 -16.93 26.30 -3.18
C ASN A 273 -16.41 26.59 -1.78
N ILE A 274 -16.76 25.69 -0.85
CA ILE A 274 -16.30 25.84 0.54
C ILE A 274 -14.80 25.54 0.57
N ASP A 275 -13.99 26.58 0.82
CA ASP A 275 -12.54 26.44 0.94
C ASP A 275 -12.12 27.00 2.29
N VAL A 276 -11.62 26.11 3.16
CA VAL A 276 -11.34 26.48 4.54
C VAL A 276 -9.86 26.80 4.71
N THR A 277 -9.15 26.99 3.59
CA THR A 277 -7.74 27.33 3.66
C THR A 277 -7.51 28.60 4.47
N ASP A 278 -8.35 29.62 4.26
CA ASP A 278 -8.21 30.87 5.01
C ASP A 278 -8.39 30.64 6.50
N ALA A 279 -9.34 29.78 6.88
CA ALA A 279 -9.56 29.51 8.31
C ALA A 279 -8.37 28.81 8.93
N MET A 280 -7.70 27.93 8.17
CA MET A 280 -6.51 27.25 8.69
C MET A 280 -5.39 28.26 8.94
N VAL A 281 -5.14 29.15 7.97
CA VAL A 281 -4.08 30.13 8.14
C VAL A 281 -4.43 31.14 9.22
N ASN A 282 -5.70 31.56 9.27
CA ASN A 282 -6.13 32.50 10.30
C ASN A 282 -5.90 31.95 11.70
N GLN A 283 -5.85 30.63 11.86
CA GLN A 283 -5.62 29.98 13.15
C GLN A 283 -4.18 29.50 13.32
N THR A 284 -3.26 29.92 12.44
CA THR A 284 -1.83 29.62 12.55
C THR A 284 -1.58 28.10 12.54
N TRP A 285 -2.27 27.40 11.65
CA TRP A 285 -1.98 25.98 11.47
C TRP A 285 -0.69 25.81 10.67
N ASP A 286 0.06 24.77 11.02
CA ASP A 286 1.19 24.34 10.23
C ASP A 286 1.03 22.85 9.92
N ALA A 287 2.04 22.28 9.27
CA ALA A 287 1.91 20.91 8.77
C ALA A 287 1.81 19.90 9.90
N ASN A 288 2.45 20.17 11.04
CA ASN A 288 2.31 19.27 12.18
C ASN A 288 0.88 19.29 12.71
N ARG A 289 0.25 20.47 12.73
CA ARG A 289 -1.14 20.57 13.14
C ARG A 289 -2.04 19.77 12.20
N ILE A 290 -1.74 19.79 10.90
CA ILE A 290 -2.57 19.10 9.92
C ILE A 290 -2.56 17.60 10.18
N PHE A 291 -1.36 17.00 10.26
CA PHE A 291 -1.26 15.57 10.50
C PHE A 291 -1.69 15.19 11.92
N LYS A 292 -1.64 16.14 12.86
CA LYS A 292 -2.20 15.88 14.18
C LYS A 292 -3.73 15.83 14.12
N GLU A 293 -4.33 16.70 13.31
CA GLU A 293 -5.77 16.64 13.11
C GLU A 293 -6.19 15.34 12.43
N ALA A 294 -5.40 14.90 11.45
CA ALA A 294 -5.68 13.62 10.80
C ALA A 294 -5.57 12.47 11.79
N GLU A 295 -4.57 12.52 12.69
CA GLU A 295 -4.43 11.46 13.69
C GLU A 295 -5.63 11.39 14.60
N LYS A 296 -6.15 12.55 15.03
CA LYS A 296 -7.31 12.56 15.90
C LYS A 296 -8.55 12.00 15.22
N PHE A 297 -8.68 12.18 13.91
CA PHE A 297 -9.83 11.64 13.20
C PHE A 297 -9.83 10.11 13.21
N PHE A 298 -8.67 9.51 12.95
CA PHE A 298 -8.57 8.05 12.97
C PHE A 298 -8.73 7.51 14.39
N VAL A 299 -8.19 8.21 15.38
CA VAL A 299 -8.40 7.82 16.76
C VAL A 299 -9.86 7.97 17.14
N SER A 300 -10.56 8.95 16.54
CA SER A 300 -11.96 9.14 16.84
C SER A 300 -12.82 7.97 16.38
N VAL A 301 -12.38 7.25 15.34
CA VAL A 301 -13.14 6.12 14.82
C VAL A 301 -12.59 4.79 15.34
N GLY A 302 -11.68 4.82 16.30
CA GLY A 302 -11.18 3.62 16.94
C GLY A 302 -9.91 3.05 16.37
N LEU A 303 -9.28 3.71 15.42
CA LEU A 303 -8.02 3.25 14.87
C LEU A 303 -6.86 3.75 15.70
N PRO A 304 -5.72 3.06 15.71
CA PRO A 304 -4.59 3.49 16.54
C PRO A 304 -3.96 4.76 16.02
N LYS A 305 -3.28 5.47 16.92
CA LYS A 305 -2.54 6.66 16.55
C LYS A 305 -1.23 6.28 15.89
N MET A 306 -0.54 7.30 15.37
CA MET A 306 0.75 7.07 14.71
C MET A 306 1.80 6.66 15.74
N THR A 307 2.74 5.83 15.30
CA THR A 307 3.86 5.48 16.15
C THR A 307 4.79 6.68 16.29
N GLN A 308 5.62 6.64 17.34
CA GLN A 308 6.58 7.72 17.54
C GLN A 308 7.62 7.74 16.42
N THR A 309 7.98 6.58 15.87
CA THR A 309 8.91 6.54 14.76
C THR A 309 8.30 7.09 13.48
N PHE A 310 6.98 7.23 13.41
CA PHE A 310 6.36 7.93 12.29
C PHE A 310 6.68 9.41 12.32
N TRP A 311 6.49 10.04 13.49
CA TRP A 311 6.74 11.47 13.61
C TRP A 311 8.22 11.81 13.45
N GLU A 312 9.11 10.89 13.82
CA GLU A 312 10.54 11.17 13.73
C GLU A 312 11.07 10.98 12.31
N ASN A 313 10.55 9.99 11.59
CA ASN A 313 11.13 9.59 10.32
C ASN A 313 10.38 10.14 9.10
N SER A 314 9.18 10.68 9.28
CA SER A 314 8.45 11.21 8.14
C SER A 314 9.03 12.55 7.70
N MET A 315 8.70 12.92 6.46
CA MET A 315 9.06 14.22 5.90
C MET A 315 7.75 14.94 5.58
N LEU A 316 7.26 15.69 6.56
CA LEU A 316 5.94 16.32 6.48
C LEU A 316 5.97 17.72 5.91
N THR A 317 7.14 18.25 5.59
CA THR A 317 7.29 19.54 4.93
C THR A 317 8.39 19.42 3.89
N GLU A 318 8.50 20.44 3.04
CA GLU A 318 9.66 20.53 2.16
C GLU A 318 10.87 20.98 2.97
N PRO A 319 11.95 20.20 3.03
CA PRO A 319 13.04 20.48 3.97
C PRO A 319 13.55 21.92 3.89
N GLY A 320 13.85 22.49 5.05
CA GLY A 320 14.36 23.84 5.23
C GLY A 320 15.85 24.01 5.02
N ASP A 321 16.55 22.91 4.73
CA ASP A 321 17.94 22.93 4.28
C ASP A 321 17.95 23.01 2.76
N GLY A 322 19.06 22.66 2.12
CA GLY A 322 19.17 22.72 0.68
C GLY A 322 18.92 21.46 -0.12
N ARG A 323 18.48 20.36 0.50
CA ARG A 323 18.34 19.12 -0.26
C ARG A 323 17.08 19.13 -1.13
N LYS A 324 17.16 18.45 -2.26
CA LYS A 324 16.08 18.38 -3.24
C LYS A 324 15.26 17.12 -3.03
N VAL A 325 13.94 17.24 -3.19
CA VAL A 325 13.01 16.20 -2.77
C VAL A 325 11.93 15.98 -3.82
N VAL A 326 11.45 14.74 -3.89
CA VAL A 326 10.21 14.42 -4.59
C VAL A 326 9.05 14.80 -3.68
N CYS A 327 8.17 15.68 -4.15
CA CYS A 327 7.10 16.23 -3.33
C CYS A 327 5.78 15.51 -3.52
N HIS A 328 5.70 14.53 -4.42
CA HIS A 328 4.46 13.81 -4.63
C HIS A 328 4.09 13.04 -3.36
N PRO A 329 2.87 13.21 -2.84
CA PRO A 329 2.51 12.59 -1.56
C PRO A 329 2.47 11.07 -1.67
N THR A 330 3.15 10.41 -0.73
CA THR A 330 3.21 8.96 -0.69
C THR A 330 3.24 8.50 0.76
N ALA A 331 2.63 7.34 1.01
CA ALA A 331 2.66 6.70 2.31
C ALA A 331 3.56 5.47 2.22
N TRP A 332 4.59 5.43 3.05
CA TRP A 332 5.65 4.45 2.94
C TRP A 332 5.49 3.38 4.01
N ASP A 333 5.36 2.13 3.58
CA ASP A 333 5.41 0.95 4.45
C ASP A 333 6.75 0.27 4.18
N LEU A 334 7.76 0.62 4.96
CA LEU A 334 9.10 0.09 4.77
C LEU A 334 9.32 -1.27 5.40
N GLY A 335 8.42 -1.70 6.29
CA GLY A 335 8.62 -2.90 7.06
C GLY A 335 9.25 -2.63 8.41
N LYS A 336 9.28 -3.67 9.25
CA LYS A 336 9.81 -3.58 10.60
C LYS A 336 9.13 -2.48 11.41
N HIS A 337 7.81 -2.36 11.24
CA HIS A 337 7.00 -1.37 11.93
C HIS A 337 7.53 0.05 11.71
N ASP A 338 7.99 0.31 10.49
CA ASP A 338 8.50 1.62 10.10
C ASP A 338 7.55 2.19 9.05
N PHE A 339 6.68 3.11 9.48
CA PHE A 339 5.68 3.72 8.62
C PHE A 339 5.95 5.21 8.53
N ARG A 340 5.99 5.73 7.30
CA ARG A 340 6.33 7.12 7.06
C ARG A 340 5.41 7.72 6.00
N ILE A 341 5.34 9.04 5.99
CA ILE A 341 4.61 9.80 4.97
C ILE A 341 5.56 10.86 4.44
N LYS A 342 5.82 10.82 3.14
CA LYS A 342 6.64 11.82 2.46
C LYS A 342 5.72 12.80 1.75
N MET A 343 5.80 14.07 2.14
CA MET A 343 4.83 15.05 1.68
C MET A 343 5.37 16.45 1.90
N CYS A 344 5.37 17.26 0.83
CA CYS A 344 5.70 18.68 0.93
C CYS A 344 4.43 19.47 1.28
N THR A 345 3.98 19.28 2.50
CA THR A 345 2.69 19.80 2.93
C THR A 345 2.71 21.32 3.02
N LYS A 346 1.66 21.95 2.49
CA LYS A 346 1.38 23.37 2.69
C LYS A 346 0.10 23.50 3.50
N VAL A 347 -0.14 24.71 4.00
CA VAL A 347 -1.31 24.97 4.85
C VAL A 347 -2.45 25.33 3.90
N THR A 348 -3.10 24.28 3.38
CA THR A 348 -4.22 24.44 2.46
C THR A 348 -5.26 23.36 2.76
N MET A 349 -6.49 23.63 2.32
CA MET A 349 -7.54 22.61 2.43
C MET A 349 -7.23 21.39 1.59
N ASP A 350 -6.59 21.58 0.43
CA ASP A 350 -6.23 20.46 -0.43
C ASP A 350 -5.26 19.52 0.26
N ASP A 351 -4.18 20.07 0.83
CA ASP A 351 -3.21 19.23 1.52
C ASP A 351 -3.72 18.76 2.89
N PHE A 352 -4.70 19.46 3.46
CA PHE A 352 -5.35 18.95 4.66
C PHE A 352 -6.11 17.66 4.36
N LEU A 353 -6.81 17.62 3.22
CA LEU A 353 -7.52 16.40 2.83
C LEU A 353 -6.54 15.31 2.40
N THR A 354 -5.45 15.69 1.73
CA THR A 354 -4.45 14.70 1.33
C THR A 354 -3.81 14.04 2.53
N ALA A 355 -3.64 14.78 3.64
CA ALA A 355 -3.06 14.20 4.83
C ALA A 355 -3.92 13.05 5.37
N HIS A 356 -5.25 13.22 5.32
CA HIS A 356 -6.14 12.13 5.71
C HIS A 356 -6.05 10.97 4.72
N HIS A 357 -5.90 11.28 3.44
CA HIS A 357 -5.80 10.24 2.42
C HIS A 357 -4.54 9.39 2.63
N GLU A 358 -3.39 10.04 2.77
CA GLU A 358 -2.14 9.30 2.93
C GLU A 358 -2.09 8.55 4.25
N MET A 359 -2.56 9.18 5.33
CA MET A 359 -2.61 8.48 6.62
C MET A 359 -3.59 7.33 6.60
N GLY A 360 -4.59 7.37 5.71
CA GLY A 360 -5.45 6.21 5.52
C GLY A 360 -4.69 5.01 4.99
N HIS A 361 -3.75 5.25 4.07
CA HIS A 361 -2.85 4.18 3.65
C HIS A 361 -2.04 3.66 4.82
N ILE A 362 -1.66 4.55 5.76
CA ILE A 362 -0.84 4.15 6.89
C ILE A 362 -1.63 3.24 7.83
N GLN A 363 -2.89 3.59 8.11
CA GLN A 363 -3.72 2.74 8.94
C GLN A 363 -3.87 1.34 8.33
N TYR A 364 -4.04 1.27 7.01
CA TYR A 364 -4.09 0.00 6.33
C TYR A 364 -2.78 -0.77 6.50
N ASP A 365 -1.65 -0.09 6.32
CA ASP A 365 -0.35 -0.75 6.43
C ASP A 365 -0.11 -1.27 7.84
N MET A 366 -0.51 -0.49 8.85
CA MET A 366 -0.30 -0.90 10.23
C MET A 366 -1.20 -2.07 10.62
N ALA A 367 -2.39 -2.15 10.02
CA ALA A 367 -3.35 -3.17 10.44
C ALA A 367 -2.89 -4.58 10.05
N TYR A 368 -2.35 -4.74 8.84
CA TYR A 368 -1.89 -6.04 8.38
C TYR A 368 -0.39 -6.23 8.56
N ALA A 369 0.24 -5.44 9.43
CA ALA A 369 1.68 -5.55 9.64
C ALA A 369 2.07 -6.86 10.31
N MET A 370 1.15 -7.50 11.04
CA MET A 370 1.44 -8.79 11.66
C MET A 370 1.21 -9.97 10.73
N GLN A 371 0.77 -9.73 9.51
CA GLN A 371 0.66 -10.78 8.51
C GLN A 371 2.04 -11.15 8.00
N PRO A 372 2.20 -12.36 7.46
CA PRO A 372 3.46 -12.70 6.78
C PRO A 372 3.78 -11.71 5.67
N TYR A 373 5.08 -11.60 5.35
CA TYR A 373 5.55 -10.57 4.44
C TYR A 373 4.78 -10.56 3.13
N LEU A 374 4.56 -11.74 2.54
CA LEU A 374 3.91 -11.82 1.23
C LEU A 374 2.43 -11.47 1.27
N LEU A 375 1.82 -11.41 2.46
CA LEU A 375 0.40 -11.11 2.58
C LEU A 375 0.14 -9.69 3.08
N ARG A 376 1.16 -8.84 3.08
CA ARG A 376 1.02 -7.45 3.53
C ARG A 376 0.72 -6.57 2.33
N ASN A 377 -0.55 -6.49 1.96
CA ASN A 377 -1.02 -5.66 0.85
C ASN A 377 -2.53 -5.60 0.92
N GLY A 378 -3.11 -4.76 0.06
CA GLY A 378 -4.55 -4.72 -0.06
C GLY A 378 -5.13 -6.04 -0.54
N ALA A 379 -6.42 -6.25 -0.26
CA ALA A 379 -7.09 -7.47 -0.67
C ALA A 379 -6.92 -7.71 -2.17
N ASN A 380 -7.17 -6.67 -2.97
CA ASN A 380 -6.77 -6.67 -4.37
C ASN A 380 -6.22 -5.27 -4.68
N GLU A 381 -5.91 -5.03 -5.95
CA GLU A 381 -5.22 -3.81 -6.34
C GLU A 381 -6.05 -2.55 -6.10
N GLY A 382 -7.36 -2.68 -5.91
CA GLY A 382 -8.23 -1.54 -5.73
C GLY A 382 -8.62 -1.21 -4.30
N PHE A 383 -8.09 -1.94 -3.31
CA PHE A 383 -8.52 -1.75 -1.93
C PHE A 383 -7.80 -0.59 -1.25
N HIS A 384 -6.50 -0.46 -1.46
CA HIS A 384 -5.67 0.55 -0.77
C HIS A 384 -6.16 1.98 -1.05
N GLU A 385 -6.39 2.29 -2.31
CA GLU A 385 -6.85 3.64 -2.63
C GLU A 385 -8.30 3.86 -2.22
N ALA A 386 -9.13 2.81 -2.29
CA ALA A 386 -10.51 2.92 -1.84
C ALA A 386 -10.57 3.26 -0.36
N VAL A 387 -9.70 2.64 0.45
CA VAL A 387 -9.68 2.93 1.88
C VAL A 387 -9.18 4.35 2.13
N GLY A 388 -8.16 4.78 1.38
CA GLY A 388 -7.63 6.12 1.58
C GLY A 388 -8.58 7.22 1.16
N GLU A 389 -9.41 6.96 0.14
CA GLU A 389 -10.27 8.00 -0.40
C GLU A 389 -11.50 8.25 0.45
N ILE A 390 -11.97 7.25 1.19
CA ILE A 390 -13.16 7.44 2.02
C ILE A 390 -12.84 8.29 3.25
N MET A 391 -11.57 8.35 3.65
CA MET A 391 -11.19 9.20 4.77
C MET A 391 -11.28 10.67 4.40
N SER A 392 -10.76 11.04 3.22
CA SER A 392 -10.92 12.40 2.73
C SER A 392 -12.38 12.72 2.41
N LEU A 393 -13.20 11.71 2.13
CA LEU A 393 -14.62 11.93 1.93
C LEU A 393 -15.27 12.48 3.20
N SER A 394 -15.07 11.78 4.32
CA SER A 394 -15.65 12.23 5.59
C SER A 394 -15.06 13.56 6.02
N ALA A 395 -13.75 13.73 5.89
CA ALA A 395 -13.08 14.93 6.39
C ALA A 395 -13.43 16.17 5.58
N ALA A 396 -13.87 16.01 4.33
CA ALA A 396 -14.19 17.17 3.50
C ALA A 396 -15.61 17.69 3.73
N THR A 397 -16.46 16.92 4.39
CA THR A 397 -17.84 17.35 4.59
C THR A 397 -17.90 18.56 5.52
N PRO A 398 -18.84 19.48 5.28
CA PRO A 398 -18.97 20.64 6.19
C PRO A 398 -19.27 20.24 7.62
N LYS A 399 -19.97 19.14 7.83
CA LYS A 399 -20.23 18.66 9.19
C LYS A 399 -18.94 18.42 9.95
N HIS A 400 -17.97 17.76 9.30
CA HIS A 400 -16.69 17.51 9.95
C HIS A 400 -15.87 18.80 10.08
N LEU A 401 -15.85 19.62 9.03
CA LEU A 401 -15.11 20.87 9.09
C LEU A 401 -15.68 21.81 10.14
N LYS A 402 -16.98 21.71 10.42
CA LYS A 402 -17.59 22.51 11.48
C LYS A 402 -17.17 22.00 12.86
N ASN A 403 -17.02 20.69 13.00
CA ASN A 403 -16.74 20.09 14.29
C ASN A 403 -15.29 20.25 14.74
N ILE A 404 -14.37 20.50 13.81
CA ILE A 404 -12.98 20.78 14.16
C ILE A 404 -12.71 22.28 14.14
N GLY A 405 -13.74 23.11 14.22
CA GLY A 405 -13.57 24.55 14.32
C GLY A 405 -13.03 25.22 13.08
N LEU A 406 -13.04 24.55 11.93
CA LEU A 406 -12.57 25.16 10.70
C LEU A 406 -13.70 25.88 9.96
N LEU A 407 -14.93 25.45 10.16
CA LEU A 407 -16.11 26.13 9.64
C LEU A 407 -16.85 26.83 10.80
N PRO A 408 -17.49 27.96 10.54
CA PRO A 408 -18.14 28.68 11.62
C PRO A 408 -19.25 27.85 12.23
N PRO A 409 -19.52 28.02 13.53
CA PRO A 409 -20.65 27.31 14.14
C PRO A 409 -21.99 27.64 13.49
N ASP A 410 -22.13 28.84 12.94
CA ASP A 410 -23.36 29.23 12.25
C ASP A 410 -23.56 28.48 10.94
N PHE A 411 -22.50 27.91 10.37
CA PHE A 411 -22.50 27.52 8.96
C PHE A 411 -23.63 26.54 8.64
N TYR A 412 -24.36 26.85 7.57
CA TYR A 412 -25.37 25.97 7.01
C TYR A 412 -25.14 25.90 5.51
N GLU A 413 -24.87 24.70 5.01
CA GLU A 413 -24.64 24.51 3.58
C GLU A 413 -25.98 24.50 2.86
N ASP A 414 -26.15 25.43 1.91
CA ASP A 414 -27.39 25.50 1.16
C ASP A 414 -27.41 24.44 0.06
N ASN A 415 -28.58 24.32 -0.58
CA ASN A 415 -28.76 23.28 -1.59
C ASN A 415 -27.94 23.56 -2.85
N GLU A 416 -27.76 24.82 -3.20
CA GLU A 416 -27.00 25.15 -4.43
C GLU A 416 -25.54 24.66 -4.36
N THR A 417 -24.85 24.92 -3.28
CA THR A 417 -23.47 24.43 -3.18
C THR A 417 -23.41 22.92 -2.98
N GLU A 418 -24.46 22.33 -2.41
CA GLU A 418 -24.57 20.87 -2.39
C GLU A 418 -24.66 20.30 -3.80
N ILE A 419 -25.44 20.94 -4.67
CA ILE A 419 -25.50 20.52 -6.05
C ILE A 419 -24.20 20.84 -6.77
N ASN A 420 -23.62 22.01 -6.49
CA ASN A 420 -22.32 22.34 -7.07
C ASN A 420 -21.27 21.31 -6.69
N PHE A 421 -21.28 20.86 -5.44
CA PHE A 421 -20.30 19.88 -4.98
C PHE A 421 -20.52 18.53 -5.65
N LEU A 422 -21.76 18.06 -5.70
CA LEU A 422 -22.05 16.77 -6.32
C LEU A 422 -21.73 16.78 -7.80
N LEU A 423 -21.99 17.90 -8.49
CA LEU A 423 -21.62 18.01 -9.89
C LEU A 423 -20.11 17.97 -10.07
N LYS A 424 -19.38 18.68 -9.22
CA LYS A 424 -17.92 18.64 -9.28
C LYS A 424 -17.40 17.23 -9.04
N GLN A 425 -18.00 16.50 -8.10
CA GLN A 425 -17.59 15.13 -7.85
C GLN A 425 -17.86 14.24 -9.06
N ALA A 426 -19.01 14.42 -9.71
CA ALA A 426 -19.39 13.56 -10.82
C ALA A 426 -18.50 13.77 -12.04
N LEU A 427 -17.98 14.98 -12.23
CA LEU A 427 -17.07 15.23 -13.33
C LEU A 427 -15.81 14.38 -13.21
N THR A 428 -15.37 14.14 -11.98
CA THR A 428 -14.17 13.35 -11.70
C THR A 428 -14.48 11.87 -11.58
N ILE A 429 -15.45 11.53 -10.72
CA ILE A 429 -15.71 10.13 -10.38
C ILE A 429 -16.52 9.44 -11.47
N VAL A 430 -17.68 10.00 -11.80
CA VAL A 430 -18.56 9.34 -12.77
C VAL A 430 -17.99 9.46 -14.18
N GLY A 431 -17.42 10.62 -14.52
CA GLY A 431 -16.94 10.83 -15.87
C GLY A 431 -15.80 9.90 -16.27
N THR A 432 -14.98 9.48 -15.31
CA THR A 432 -13.82 8.66 -15.62
C THR A 432 -14.15 7.18 -15.75
N LEU A 433 -15.36 6.75 -15.34
CA LEU A 433 -15.64 5.32 -15.33
C LEU A 433 -15.81 4.74 -16.73
N PRO A 434 -16.59 5.34 -17.64
CA PRO A 434 -16.62 4.80 -19.01
C PRO A 434 -15.28 4.90 -19.72
N PHE A 435 -14.54 6.00 -19.49
CA PHE A 435 -13.20 6.12 -20.06
C PHE A 435 -12.30 5.01 -19.58
N THR A 436 -12.32 4.73 -18.27
CA THR A 436 -11.46 3.69 -17.71
C THR A 436 -11.86 2.31 -18.22
N TYR A 437 -13.16 2.02 -18.25
CA TYR A 437 -13.63 0.70 -18.69
C TYR A 437 -13.27 0.46 -20.15
N MET A 438 -13.54 1.44 -21.01
CA MET A 438 -13.32 1.25 -22.44
C MET A 438 -11.84 1.15 -22.76
N LEU A 439 -11.01 1.87 -22.03
CA LEU A 439 -9.57 1.79 -22.26
C LEU A 439 -9.05 0.38 -21.99
N GLU A 440 -9.31 -0.14 -20.80
CA GLU A 440 -8.82 -1.47 -20.45
C GLU A 440 -9.50 -2.56 -21.27
N LYS A 441 -10.74 -2.34 -21.70
CA LYS A 441 -11.39 -3.29 -22.59
C LYS A 441 -10.70 -3.35 -23.94
N TRP A 442 -10.23 -2.21 -24.44
CA TRP A 442 -9.49 -2.20 -25.69
C TRP A 442 -8.15 -2.91 -25.55
N ARG A 443 -7.46 -2.70 -24.43
CA ARG A 443 -6.20 -3.39 -24.19
C ARG A 443 -6.42 -4.88 -24.00
N TRP A 444 -7.51 -5.26 -23.33
CA TRP A 444 -7.82 -6.67 -23.16
C TRP A 444 -8.04 -7.37 -24.50
N MET A 445 -8.73 -6.68 -25.42
CA MET A 445 -9.03 -7.30 -26.71
C MET A 445 -7.86 -7.20 -27.68
N VAL A 446 -6.97 -6.21 -27.49
CA VAL A 446 -5.76 -6.18 -28.29
C VAL A 446 -4.82 -7.31 -27.87
N PHE A 447 -4.67 -7.52 -26.57
CA PHE A 447 -3.84 -8.63 -26.09
C PHE A 447 -4.45 -9.97 -26.47
N SER A 448 -5.78 -10.10 -26.38
CA SER A 448 -6.45 -11.35 -26.74
C SER A 448 -6.42 -11.62 -28.23
N GLY A 449 -6.11 -10.63 -29.05
CA GLY A 449 -6.13 -10.80 -30.49
C GLY A 449 -7.49 -10.58 -31.13
N GLN A 450 -8.52 -10.24 -30.35
CA GLN A 450 -9.83 -9.97 -30.93
C GLN A 450 -9.80 -8.72 -31.78
N ILE A 451 -8.92 -7.77 -31.48
CA ILE A 451 -8.74 -6.58 -32.31
C ILE A 451 -7.42 -6.74 -33.07
N PRO A 452 -7.47 -7.03 -34.37
CA PRO A 452 -6.23 -7.19 -35.13
C PRO A 452 -5.48 -5.87 -35.25
N LYS A 453 -4.19 -5.99 -35.60
CA LYS A 453 -3.32 -4.82 -35.65
C LYS A 453 -3.81 -3.78 -36.65
N GLU A 454 -4.29 -4.22 -37.81
CA GLU A 454 -4.74 -3.31 -38.85
C GLU A 454 -6.10 -2.69 -38.54
N GLN A 455 -6.66 -2.92 -37.35
CA GLN A 455 -7.89 -2.30 -36.92
C GLN A 455 -7.79 -1.74 -35.51
N TRP A 456 -6.57 -1.50 -35.02
CA TRP A 456 -6.39 -0.96 -33.68
C TRP A 456 -7.06 0.40 -33.54
N MET A 457 -6.74 1.33 -34.45
CA MET A 457 -7.31 2.66 -34.37
C MET A 457 -8.79 2.68 -34.76
N LYS A 458 -9.20 1.77 -35.63
CA LYS A 458 -10.61 1.68 -36.01
C LYS A 458 -11.46 1.24 -34.83
N LYS A 459 -10.98 0.25 -34.07
CA LYS A 459 -11.74 -0.22 -32.92
C LYS A 459 -11.66 0.75 -31.75
N TRP A 460 -10.51 1.39 -31.57
CA TRP A 460 -10.34 2.32 -30.46
C TRP A 460 -11.38 3.44 -30.51
N TRP A 461 -11.60 4.02 -31.69
CA TRP A 461 -12.57 5.08 -31.84
C TRP A 461 -13.98 4.58 -32.06
N GLU A 462 -14.15 3.32 -32.46
CA GLU A 462 -15.48 2.74 -32.50
C GLU A 462 -16.02 2.49 -31.09
N MET A 463 -15.12 2.17 -30.15
CA MET A 463 -15.51 1.97 -28.76
C MET A 463 -15.58 3.28 -27.99
N LYS A 464 -14.80 4.29 -28.39
CA LYS A 464 -14.92 5.62 -27.79
C LYS A 464 -16.31 6.20 -28.03
N ARG A 465 -16.75 6.19 -29.28
CA ARG A 465 -18.11 6.63 -29.59
C ARG A 465 -19.15 5.78 -28.88
N GLU A 466 -18.94 4.47 -28.86
CA GLU A 466 -19.96 3.53 -28.39
C GLU A 466 -20.09 3.54 -26.87
N ILE A 467 -18.96 3.41 -26.17
CA ILE A 467 -18.97 3.24 -24.72
C ILE A 467 -18.90 4.58 -24.00
N VAL A 468 -17.98 5.45 -24.43
CA VAL A 468 -17.75 6.71 -23.74
C VAL A 468 -18.61 7.84 -24.28
N GLY A 469 -19.14 7.72 -25.49
CA GLY A 469 -19.84 8.84 -26.11
C GLY A 469 -18.88 9.95 -26.48
N VAL A 470 -17.73 9.61 -27.04
CA VAL A 470 -16.67 10.57 -27.35
C VAL A 470 -16.18 10.28 -28.77
N VAL A 471 -16.07 11.32 -29.59
CA VAL A 471 -15.69 11.19 -30.98
C VAL A 471 -14.40 11.96 -31.21
N GLU A 472 -13.56 11.43 -32.10
CA GLU A 472 -12.31 12.09 -32.42
C GLU A 472 -12.55 13.27 -33.36
N PRO A 473 -11.84 14.39 -33.16
CA PRO A 473 -12.02 15.54 -34.06
C PRO A 473 -11.28 15.42 -35.37
N VAL A 474 -10.41 14.43 -35.53
CA VAL A 474 -9.61 14.24 -36.73
C VAL A 474 -9.53 12.74 -37.02
N PRO A 475 -9.81 12.31 -38.26
CA PRO A 475 -9.73 10.87 -38.56
C PRO A 475 -8.30 10.37 -38.44
N HIS A 476 -8.15 9.22 -37.78
CA HIS A 476 -6.84 8.64 -37.49
C HIS A 476 -6.76 7.24 -38.08
N ASP A 477 -5.72 7.00 -38.88
CA ASP A 477 -5.47 5.70 -39.48
C ASP A 477 -4.56 4.89 -38.57
N GLU A 478 -4.05 3.76 -39.06
CA GLU A 478 -3.28 2.84 -38.24
C GLU A 478 -1.83 3.26 -38.08
N THR A 479 -1.42 4.41 -38.60
CA THR A 479 -0.12 4.96 -38.22
C THR A 479 -0.15 5.57 -36.84
N TYR A 480 -1.34 5.92 -36.35
CA TYR A 480 -1.50 6.43 -34.99
C TYR A 480 -1.53 5.29 -33.98
N CYS A 481 -1.15 5.62 -32.75
CA CYS A 481 -1.41 4.76 -31.59
C CYS A 481 -1.87 5.70 -30.48
N ASP A 482 -3.18 5.95 -30.43
CA ASP A 482 -3.77 6.98 -29.58
C ASP A 482 -3.78 6.59 -28.10
N PRO A 483 -4.14 5.35 -27.74
CA PRO A 483 -4.04 4.98 -26.31
C PRO A 483 -2.64 5.09 -25.76
N ALA A 484 -1.63 4.80 -26.57
CA ALA A 484 -0.24 4.90 -26.11
C ALA A 484 0.13 6.33 -25.71
N SER A 485 -0.62 7.32 -26.18
CA SER A 485 -0.35 8.71 -25.80
C SER A 485 -0.76 9.02 -24.36
N LEU A 486 -1.26 8.04 -23.62
CA LEU A 486 -1.54 8.19 -22.20
C LEU A 486 -0.41 7.56 -21.40
N PHE A 487 -0.07 8.20 -20.26
CA PHE A 487 1.02 7.73 -19.42
C PHE A 487 0.88 6.26 -19.06
N HIS A 488 -0.31 5.86 -18.60
CA HIS A 488 -0.50 4.51 -18.08
C HIS A 488 -0.32 3.45 -19.17
N VAL A 489 -0.63 3.78 -20.42
CA VAL A 489 -0.45 2.83 -21.50
C VAL A 489 1.01 2.77 -21.94
N ALA A 490 1.64 3.94 -22.09
CA ALA A 490 3.04 3.98 -22.50
C ALA A 490 3.98 3.46 -21.44
N ASN A 491 3.57 3.48 -20.17
CA ASN A 491 4.42 3.06 -19.07
C ASN A 491 4.00 1.71 -18.48
N ASP A 492 3.15 0.96 -19.17
CA ASP A 492 2.82 -0.42 -18.82
C ASP A 492 2.24 -0.52 -17.41
N TYR A 493 1.08 0.11 -17.23
CA TYR A 493 0.33 0.04 -15.98
C TYR A 493 -1.08 -0.43 -16.29
N SER A 494 -1.56 -1.40 -15.51
CA SER A 494 -2.94 -1.82 -15.64
C SER A 494 -3.87 -0.69 -15.19
N PHE A 495 -5.04 -0.61 -15.83
CA PHE A 495 -5.92 0.54 -15.68
C PHE A 495 -7.22 0.25 -14.96
N ILE A 496 -7.67 -1.01 -14.93
CA ILE A 496 -8.93 -1.35 -14.28
C ILE A 496 -8.91 -1.07 -12.78
N ARG A 497 -7.73 -0.79 -12.21
CA ARG A 497 -7.63 -0.47 -10.79
C ARG A 497 -8.43 0.79 -10.46
N TYR A 498 -8.53 1.73 -11.39
CA TYR A 498 -9.31 2.94 -11.16
C TYR A 498 -10.81 2.70 -11.30
N TYR A 499 -11.20 1.64 -12.01
CA TYR A 499 -12.61 1.28 -12.10
C TYR A 499 -13.09 0.64 -10.80
N THR A 500 -12.37 -0.39 -10.34
CA THR A 500 -12.82 -1.15 -9.18
C THR A 500 -12.70 -0.36 -7.89
N ARG A 501 -11.60 0.38 -7.72
CA ARG A 501 -11.40 1.14 -6.49
C ARG A 501 -12.48 2.21 -6.32
N THR A 502 -13.06 2.68 -7.42
CA THR A 502 -14.19 3.61 -7.32
C THR A 502 -15.43 2.89 -6.83
N ILE A 503 -15.67 1.67 -7.31
CA ILE A 503 -16.80 0.88 -6.83
C ILE A 503 -16.62 0.53 -5.36
N TYR A 504 -15.40 0.15 -4.96
CA TYR A 504 -15.16 -0.26 -3.59
C TYR A 504 -15.36 0.89 -2.61
N GLN A 505 -14.88 2.08 -2.97
CA GLN A 505 -14.83 3.17 -1.99
C GLN A 505 -16.23 3.64 -1.58
N PHE A 506 -17.22 3.49 -2.45
CA PHE A 506 -18.58 3.87 -2.08
C PHE A 506 -19.33 2.73 -1.40
N GLN A 507 -18.95 1.48 -1.67
CA GLN A 507 -19.44 0.38 -0.84
C GLN A 507 -18.94 0.50 0.59
N PHE A 508 -17.66 0.84 0.75
CA PHE A 508 -17.10 1.06 2.09
C PHE A 508 -17.81 2.19 2.79
N GLN A 509 -17.97 3.33 2.11
CA GLN A 509 -18.55 4.50 2.75
C GLN A 509 -19.99 4.25 3.17
N GLU A 510 -20.81 3.71 2.26
CA GLU A 510 -22.19 3.42 2.62
C GLU A 510 -22.28 2.43 3.77
N ALA A 511 -21.43 1.40 3.77
CA ALA A 511 -21.43 0.43 4.85
C ALA A 511 -21.03 1.09 6.17
N LEU A 512 -19.92 1.83 6.17
CA LEU A 512 -19.47 2.48 7.40
C LEU A 512 -20.45 3.56 7.87
N CYS A 513 -21.13 4.23 6.93
CA CYS A 513 -22.09 5.25 7.32
C CYS A 513 -23.35 4.63 7.92
N GLN A 514 -23.76 3.46 7.45
CA GLN A 514 -24.87 2.75 8.08
C GLN A 514 -24.50 2.28 9.47
N THR A 515 -23.26 1.78 9.63
CA THR A 515 -22.79 1.35 10.95
C THR A 515 -22.76 2.53 11.92
N ALA A 516 -22.30 3.69 11.46
CA ALA A 516 -22.34 4.89 12.28
C ALA A 516 -23.74 5.46 12.45
N LYS A 517 -24.76 4.81 11.87
CA LYS A 517 -26.15 5.23 11.98
C LYS A 517 -26.34 6.67 11.47
N HIS A 518 -25.66 7.00 10.39
CA HIS A 518 -25.85 8.30 9.76
C HIS A 518 -27.23 8.38 9.12
N GLU A 519 -27.84 9.55 9.20
CA GLU A 519 -29.14 9.80 8.60
C GLU A 519 -29.05 11.02 7.70
N GLY A 520 -29.61 10.91 6.51
CA GLY A 520 -29.48 11.94 5.49
C GLY A 520 -28.80 11.38 4.26
N PRO A 521 -28.60 12.23 3.25
CA PRO A 521 -27.92 11.77 2.03
C PRO A 521 -26.52 11.26 2.33
N LEU A 522 -26.11 10.25 1.56
CA LEU A 522 -24.82 9.61 1.81
C LEU A 522 -23.65 10.57 1.62
N HIS A 523 -23.82 11.59 0.78
CA HIS A 523 -22.72 12.51 0.52
C HIS A 523 -22.47 13.48 1.66
N LYS A 524 -23.38 13.58 2.62
CA LYS A 524 -23.20 14.43 3.80
C LYS A 524 -22.74 13.63 5.01
N CYS A 525 -22.28 12.40 4.82
CA CYS A 525 -21.96 11.51 5.93
C CYS A 525 -20.53 11.74 6.40
N ASP A 526 -20.37 11.83 7.72
CA ASP A 526 -19.06 11.90 8.37
C ASP A 526 -19.00 10.76 9.38
N ILE A 527 -17.99 9.89 9.24
CA ILE A 527 -17.89 8.70 10.06
C ILE A 527 -17.10 9.01 11.33
N SER A 528 -16.82 10.28 11.56
CA SER A 528 -16.05 10.68 12.73
C SER A 528 -16.77 10.27 14.02
N ASN A 529 -15.97 9.92 15.03
CA ASN A 529 -16.45 9.59 16.37
C ASN A 529 -17.29 8.31 16.42
N SER A 530 -17.20 7.47 15.40
CA SER A 530 -17.90 6.18 15.37
C SER A 530 -16.85 5.07 15.49
N ALA A 531 -16.69 4.54 16.71
CA ALA A 531 -15.69 3.51 16.93
C ALA A 531 -16.07 2.19 16.27
N GLU A 532 -17.36 1.88 16.20
CA GLU A 532 -17.81 0.65 15.57
C GLU A 532 -17.59 0.67 14.06
N ALA A 533 -17.62 1.85 13.46
CA ALA A 533 -17.35 1.95 12.02
C ALA A 533 -15.89 1.65 11.73
N GLY A 534 -14.97 2.24 12.50
CA GLY A 534 -13.57 1.94 12.33
C GLY A 534 -13.23 0.51 12.72
N GLN A 535 -13.91 -0.03 13.73
CA GLN A 535 -13.68 -1.43 14.08
C GLN A 535 -14.17 -2.35 12.98
N LYS A 536 -15.35 -2.07 12.40
CA LYS A 536 -15.82 -2.87 11.27
C LYS A 536 -14.84 -2.80 10.10
N LEU A 537 -14.29 -1.62 9.83
CA LEU A 537 -13.33 -1.48 8.74
C LEU A 537 -12.04 -2.24 9.04
N LEU A 538 -11.59 -2.20 10.29
CA LEU A 538 -10.32 -2.84 10.65
C LEU A 538 -10.36 -4.35 10.52
N GLN A 539 -11.54 -4.94 10.65
CA GLN A 539 -11.66 -6.39 10.47
C GLN A 539 -11.31 -6.82 9.05
N MET A 540 -11.40 -5.90 8.10
CA MET A 540 -10.92 -6.16 6.75
C MET A 540 -9.46 -5.73 6.58
N LEU A 541 -9.10 -4.57 7.14
CA LEU A 541 -7.74 -4.05 6.95
C LEU A 541 -6.68 -5.01 7.47
N SER A 542 -6.95 -5.64 8.62
CA SER A 542 -5.99 -6.55 9.22
C SER A 542 -5.81 -7.84 8.43
N LEU A 543 -6.69 -8.12 7.47
CA LEU A 543 -6.57 -9.36 6.71
C LEU A 543 -5.44 -9.30 5.70
N GLY A 544 -5.06 -8.11 5.25
CA GLY A 544 -4.10 -8.02 4.17
C GLY A 544 -4.69 -8.65 2.92
N LYS A 545 -3.88 -9.48 2.25
CA LYS A 545 -4.37 -10.32 1.16
C LYS A 545 -4.35 -11.79 1.55
N SER A 546 -4.49 -12.08 2.85
CA SER A 546 -4.46 -13.45 3.35
C SER A 546 -5.77 -14.20 3.10
N LYS A 547 -6.84 -13.48 2.79
CA LYS A 547 -8.15 -14.05 2.50
C LYS A 547 -8.57 -13.63 1.09
N PRO A 548 -9.56 -14.30 0.50
CA PRO A 548 -10.07 -13.83 -0.80
C PRO A 548 -10.65 -12.44 -0.65
N TRP A 549 -10.41 -11.59 -1.65
CA TRP A 549 -10.87 -10.21 -1.56
C TRP A 549 -12.39 -10.13 -1.45
N THR A 550 -13.10 -11.14 -1.98
CA THR A 550 -14.54 -11.19 -1.80
C THR A 550 -14.91 -11.36 -0.32
N LEU A 551 -14.16 -12.19 0.40
CA LEU A 551 -14.42 -12.35 1.83
C LEU A 551 -14.03 -11.08 2.60
N ALA A 552 -12.90 -10.46 2.23
CA ALA A 552 -12.51 -9.21 2.87
C ALA A 552 -13.54 -8.12 2.63
N LEU A 553 -14.11 -8.07 1.42
CA LEU A 553 -15.16 -7.10 1.13
C LEU A 553 -16.42 -7.38 1.96
N GLU A 554 -16.77 -8.66 2.11
CA GLU A 554 -17.98 -9.02 2.84
C GLU A 554 -17.90 -8.66 4.31
N ARG A 555 -16.70 -8.71 4.89
CA ARG A 555 -16.54 -8.40 6.31
C ARG A 555 -16.82 -6.92 6.62
N VAL A 556 -16.88 -6.06 5.60
CA VAL A 556 -17.22 -4.65 5.80
C VAL A 556 -18.67 -4.41 5.38
N VAL A 557 -18.97 -4.69 4.11
CA VAL A 557 -20.23 -4.24 3.52
C VAL A 557 -21.33 -5.28 3.58
N GLY A 558 -21.02 -6.53 3.93
CA GLY A 558 -22.01 -7.58 4.00
C GLY A 558 -22.31 -8.28 2.70
N THR A 559 -21.59 -7.95 1.62
CA THR A 559 -21.77 -8.58 0.32
C THR A 559 -20.44 -9.08 -0.19
N LYS A 560 -20.46 -10.27 -0.81
CA LYS A 560 -19.28 -10.80 -1.48
C LYS A 560 -19.04 -10.16 -2.83
N ASN A 561 -19.91 -9.26 -3.27
CA ASN A 561 -19.93 -8.81 -4.65
C ASN A 561 -19.55 -7.35 -4.78
N MET A 562 -18.73 -7.06 -5.79
CA MET A 562 -18.46 -5.71 -6.25
C MET A 562 -19.77 -5.07 -6.70
N ASP A 563 -20.27 -4.09 -5.95
CA ASP A 563 -21.60 -3.54 -6.14
C ASP A 563 -21.52 -2.04 -6.38
N VAL A 564 -22.12 -1.59 -7.48
CA VAL A 564 -22.08 -0.17 -7.82
C VAL A 564 -23.28 0.61 -7.27
N ARG A 565 -24.34 -0.08 -6.86
CA ARG A 565 -25.50 0.61 -6.29
C ARG A 565 -25.14 1.60 -5.19
N PRO A 566 -24.17 1.35 -4.30
CA PRO A 566 -23.76 2.41 -3.37
C PRO A 566 -23.28 3.68 -4.05
N LEU A 567 -22.54 3.58 -5.16
CA LEU A 567 -22.16 4.80 -5.87
C LEU A 567 -23.39 5.51 -6.43
N LEU A 568 -24.34 4.75 -6.97
CA LEU A 568 -25.54 5.36 -7.52
C LEU A 568 -26.34 6.07 -6.43
N ASN A 569 -26.35 5.51 -5.22
CA ASN A 569 -27.03 6.16 -4.10
C ASN A 569 -26.32 7.46 -3.72
N TYR A 570 -24.99 7.49 -3.82
CA TYR A 570 -24.25 8.70 -3.49
C TYR A 570 -24.60 9.83 -4.44
N PHE A 571 -24.84 9.51 -5.72
CA PHE A 571 -25.11 10.51 -6.74
C PHE A 571 -26.60 10.62 -7.06
N GLU A 572 -27.47 10.01 -6.26
CA GLU A 572 -28.91 10.09 -6.53
C GLU A 572 -29.46 11.51 -6.41
N PRO A 573 -29.05 12.34 -5.46
CA PRO A 573 -29.52 13.74 -5.49
C PRO A 573 -29.12 14.48 -6.75
N LEU A 574 -27.96 14.16 -7.32
CA LEU A 574 -27.54 14.80 -8.57
C LEU A 574 -28.35 14.26 -9.75
N LEU A 575 -28.54 12.96 -9.82
CA LEU A 575 -29.33 12.36 -10.90
C LEU A 575 -30.73 12.97 -10.89
N THR A 576 -31.33 13.18 -9.73
CA THR A 576 -32.63 13.83 -9.66
C THR A 576 -32.56 15.26 -10.22
N TRP A 577 -31.47 15.97 -9.93
CA TRP A 577 -31.30 17.31 -10.45
C TRP A 577 -31.04 17.28 -11.96
N LEU A 578 -30.29 16.29 -12.43
CA LEU A 578 -29.92 16.24 -13.84
C LEU A 578 -31.12 15.91 -14.73
N LYS A 579 -32.01 15.02 -14.27
CA LYS A 579 -33.16 14.65 -15.09
C LYS A 579 -34.07 15.85 -15.33
N GLU A 580 -34.18 16.74 -14.34
CA GLU A 580 -34.96 17.95 -14.55
C GLU A 580 -34.21 18.92 -15.44
N GLN A 581 -32.90 19.04 -15.23
CA GLN A 581 -32.08 19.95 -16.03
C GLN A 581 -32.02 19.53 -17.49
N ASN A 582 -32.06 18.22 -17.75
CA ASN A 582 -32.01 17.68 -19.10
C ASN A 582 -33.39 17.50 -19.72
N LYS A 583 -34.41 18.14 -19.16
CA LYS A 583 -35.78 17.90 -19.64
C LYS A 583 -35.97 18.39 -21.07
N ASN A 584 -35.25 19.42 -21.47
CA ASN A 584 -35.30 19.89 -22.85
C ASN A 584 -34.05 19.49 -23.64
N SER A 585 -33.28 18.55 -23.13
CA SER A 585 -32.07 18.07 -23.78
C SER A 585 -32.24 16.63 -24.22
N PHE A 586 -31.36 16.20 -25.12
CA PHE A 586 -31.31 14.82 -25.57
C PHE A 586 -30.38 14.03 -24.67
N VAL A 587 -30.86 12.88 -24.20
CA VAL A 587 -30.10 12.01 -23.31
C VAL A 587 -29.67 10.78 -24.10
N GLY A 588 -28.37 10.64 -24.28
CA GLY A 588 -27.79 9.66 -25.15
C GLY A 588 -26.96 10.32 -26.24
N TRP A 589 -26.49 9.51 -27.18
CA TRP A 589 -25.68 10.02 -28.27
C TRP A 589 -25.78 9.07 -29.44
N ASN A 590 -25.56 9.61 -30.64
CA ASN A 590 -25.43 8.79 -31.83
C ASN A 590 -23.96 8.69 -32.22
N THR A 591 -23.52 7.49 -32.55
CA THR A 591 -22.13 7.21 -32.88
C THR A 591 -21.75 7.62 -34.30
N ASP A 592 -22.71 8.11 -35.08
CA ASP A 592 -22.44 8.44 -36.48
C ASP A 592 -21.77 9.80 -36.64
N TRP A 593 -22.20 10.79 -35.87
CA TRP A 593 -21.76 12.17 -36.10
C TRP A 593 -20.28 12.34 -35.83
N SER A 594 -19.64 13.19 -36.62
CA SER A 594 -18.23 13.53 -36.48
C SER A 594 -18.08 15.04 -36.70
N PRO A 595 -17.23 15.70 -35.92
CA PRO A 595 -16.97 17.13 -36.18
C PRO A 595 -16.27 17.38 -37.51
N TYR A 596 -15.58 16.39 -38.06
CA TYR A 596 -14.98 16.49 -39.38
C TYR A 596 -15.83 15.85 -40.47
N ALA A 597 -16.60 14.82 -40.11
CA ALA A 597 -17.55 14.09 -40.97
C ALA A 597 -17.38 14.25 -42.48
N THR B 15 32.52 -7.81 52.78
CA THR B 15 31.69 -6.94 51.95
C THR B 15 32.05 -7.10 50.48
N ASN B 16 32.32 -8.33 50.07
CA ASN B 16 32.60 -8.64 48.67
C ASN B 16 31.34 -8.41 47.86
N LEU B 17 31.34 -7.35 47.04
CA LEU B 17 30.16 -7.01 46.28
C LEU B 17 30.02 -7.90 45.05
N CYS B 18 28.78 -8.26 44.73
CA CYS B 18 28.52 -9.13 43.59
C CYS B 18 28.75 -8.37 42.28
N PRO B 19 29.44 -8.98 41.31
CA PRO B 19 29.80 -8.28 40.06
C PRO B 19 28.65 -8.23 39.07
N PHE B 20 27.61 -7.47 39.42
CA PHE B 20 26.48 -7.29 38.51
C PHE B 20 26.82 -6.33 37.38
N GLY B 21 27.73 -5.38 37.61
CA GLY B 21 28.13 -4.48 36.55
C GLY B 21 28.82 -5.20 35.40
N GLU B 22 29.43 -6.35 35.66
CA GLU B 22 30.03 -7.13 34.58
C GLU B 22 28.97 -7.71 33.65
N VAL B 23 27.80 -8.05 34.19
CA VAL B 23 26.72 -8.60 33.38
C VAL B 23 25.89 -7.51 32.74
N PHE B 24 25.51 -6.49 33.52
CA PHE B 24 24.59 -5.46 33.04
C PHE B 24 25.28 -4.38 32.21
N ASN B 25 26.58 -4.16 32.41
CA ASN B 25 27.30 -3.10 31.71
C ASN B 25 28.38 -3.64 30.78
N ALA B 26 28.26 -4.90 30.35
CA ALA B 26 29.20 -5.44 29.39
C ALA B 26 29.08 -4.69 28.05
N THR B 27 30.23 -4.46 27.42
CA THR B 27 30.22 -3.78 26.12
C THR B 27 29.46 -4.61 25.09
N ARG B 28 29.72 -5.90 25.05
CA ARG B 28 29.10 -6.82 24.11
C ARG B 28 28.11 -7.71 24.84
N PHE B 29 27.07 -8.14 24.12
CA PHE B 29 26.15 -9.14 24.61
C PHE B 29 26.15 -10.32 23.66
N ALA B 30 25.85 -11.50 24.20
CA ALA B 30 25.89 -12.71 23.42
C ALA B 30 24.65 -12.85 22.54
N SER B 31 24.76 -13.70 21.53
CA SER B 31 23.59 -14.08 20.75
C SER B 31 22.69 -14.98 21.59
N VAL B 32 21.40 -14.94 21.28
CA VAL B 32 20.42 -15.64 22.13
C VAL B 32 20.58 -17.15 22.01
N TYR B 33 20.94 -17.64 20.82
CA TYR B 33 21.15 -19.07 20.66
C TYR B 33 22.38 -19.54 21.43
N ALA B 34 23.35 -18.65 21.64
CA ALA B 34 24.54 -18.96 22.41
C ALA B 34 24.56 -18.09 23.67
N TRP B 35 23.42 -18.01 24.36
CA TRP B 35 23.26 -17.08 25.47
C TRP B 35 24.34 -17.30 26.54
N ASN B 36 24.72 -16.21 27.18
CA ASN B 36 25.77 -16.19 28.18
C ASN B 36 25.22 -16.55 29.55
N ARG B 37 26.07 -17.14 30.39
CA ARG B 37 25.72 -17.44 31.77
C ARG B 37 26.90 -17.12 32.67
N LYS B 38 26.65 -16.30 33.68
CA LYS B 38 27.66 -15.93 34.67
C LYS B 38 27.19 -16.39 36.04
N ARG B 39 28.00 -17.22 36.70
CA ARG B 39 27.66 -17.72 38.03
C ARG B 39 28.10 -16.71 39.07
N ILE B 40 27.16 -16.21 39.86
CA ILE B 40 27.44 -15.25 40.92
C ILE B 40 27.45 -16.01 42.25
N SER B 41 28.57 -15.92 42.97
CA SER B 41 28.72 -16.67 44.21
C SER B 41 29.64 -15.92 45.16
N ASN B 42 29.45 -16.20 46.46
CA ASN B 42 30.32 -15.72 47.53
C ASN B 42 30.49 -14.20 47.47
N CYS B 43 29.36 -13.51 47.63
CA CYS B 43 29.35 -12.05 47.58
C CYS B 43 28.05 -11.56 48.22
N VAL B 44 27.97 -10.24 48.39
CA VAL B 44 26.79 -9.58 48.94
C VAL B 44 26.16 -8.74 47.84
N ALA B 45 24.90 -9.04 47.52
CA ALA B 45 24.19 -8.39 46.42
C ALA B 45 23.17 -7.40 46.95
N ASP B 46 23.22 -6.18 46.44
CA ASP B 46 22.25 -5.13 46.76
C ASP B 46 21.24 -5.10 45.60
N TYR B 47 20.19 -5.92 45.71
CA TYR B 47 19.22 -6.05 44.64
C TYR B 47 18.40 -4.78 44.44
N SER B 48 18.31 -3.91 45.44
CA SER B 48 17.58 -2.66 45.29
C SER B 48 18.25 -1.75 44.26
N VAL B 49 19.54 -1.94 44.00
CA VAL B 49 20.21 -1.21 42.94
C VAL B 49 19.50 -1.43 41.61
N LEU B 50 19.04 -2.66 41.37
CA LEU B 50 18.43 -3.05 40.10
C LEU B 50 16.93 -2.80 40.06
N TYR B 51 16.17 -3.30 41.05
CA TYR B 51 14.72 -3.23 40.96
C TYR B 51 14.16 -1.83 41.22
N ASN B 52 14.97 -0.90 41.70
CA ASN B 52 14.56 0.49 41.86
C ASN B 52 15.07 1.37 40.73
N SER B 53 15.42 0.78 39.59
CA SER B 53 15.94 1.52 38.46
C SER B 53 14.85 1.67 37.40
N ALA B 54 14.68 2.88 36.90
CA ALA B 54 13.72 3.17 35.84
C ALA B 54 14.30 2.94 34.44
N SER B 55 15.55 2.49 34.34
CA SER B 55 16.17 2.22 33.06
C SER B 55 15.80 0.85 32.50
N PHE B 56 15.00 0.08 33.22
CA PHE B 56 14.56 -1.24 32.77
C PHE B 56 13.09 -1.15 32.37
N SER B 57 12.80 -1.50 31.11
CA SER B 57 11.41 -1.55 30.67
C SER B 57 10.70 -2.78 31.19
N THR B 58 11.45 -3.86 31.45
CA THR B 58 10.90 -5.09 31.98
C THR B 58 11.68 -5.50 33.22
N PHE B 59 10.97 -5.69 34.34
CA PHE B 59 11.55 -6.27 35.56
C PHE B 59 10.46 -7.15 36.15
N LYS B 60 10.48 -8.43 35.78
CA LYS B 60 9.43 -9.37 36.14
C LYS B 60 10.05 -10.52 36.91
N CYS B 61 9.54 -10.77 38.12
CA CYS B 61 10.07 -11.80 39.00
C CYS B 61 9.05 -12.92 39.16
N TYR B 62 9.57 -14.13 39.39
CA TYR B 62 8.74 -15.32 39.54
C TYR B 62 9.23 -16.10 40.75
N GLY B 63 8.31 -16.45 41.64
CA GLY B 63 8.67 -17.18 42.83
C GLY B 63 9.07 -16.28 43.99
N VAL B 64 9.79 -15.21 43.69
CA VAL B 64 10.25 -14.26 44.69
C VAL B 64 9.56 -12.92 44.46
N SER B 65 9.63 -12.06 45.48
CA SER B 65 9.14 -10.69 45.41
C SER B 65 10.33 -9.72 45.47
N PRO B 66 10.33 -8.68 44.63
CA PRO B 66 11.50 -7.81 44.55
C PRO B 66 11.96 -7.22 45.88
N THR B 67 11.05 -6.64 46.66
CA THR B 67 11.45 -5.98 47.91
C THR B 67 12.05 -6.94 48.93
N LYS B 68 11.78 -8.22 48.78
CA LYS B 68 12.28 -9.24 49.69
C LYS B 68 13.62 -9.82 49.26
N LEU B 69 14.19 -9.43 48.11
CA LEU B 69 15.40 -10.03 47.60
C LEU B 69 16.59 -9.75 48.51
N ASN B 70 16.65 -8.56 49.10
CA ASN B 70 17.74 -8.25 50.02
C ASN B 70 17.63 -9.08 51.30
N ASP B 71 16.42 -9.48 51.68
CA ASP B 71 16.21 -10.30 52.87
C ASP B 71 16.13 -11.78 52.50
N LEU B 72 17.19 -12.29 51.88
CA LEU B 72 17.15 -13.65 51.32
C LEU B 72 18.57 -14.13 51.08
N CYS B 73 18.71 -15.46 51.02
CA CYS B 73 20.01 -16.07 50.80
C CYS B 73 19.86 -17.25 49.84
N PHE B 74 20.85 -17.44 48.97
CA PHE B 74 20.84 -18.53 48.01
C PHE B 74 22.24 -19.13 47.92
N THR B 75 22.28 -20.39 47.46
CA THR B 75 23.57 -21.04 47.24
C THR B 75 24.32 -20.41 46.08
N ASN B 76 23.72 -20.43 44.89
CA ASN B 76 24.27 -19.78 43.72
C ASN B 76 23.20 -18.93 43.07
N VAL B 77 23.65 -17.94 42.29
CA VAL B 77 22.77 -17.12 41.47
C VAL B 77 23.37 -17.02 40.09
N TYR B 78 22.58 -17.32 39.07
CA TYR B 78 23.03 -17.33 37.69
C TYR B 78 22.47 -16.13 36.94
N ALA B 79 23.31 -15.51 36.10
CA ALA B 79 22.92 -14.35 35.31
C ALA B 79 23.03 -14.71 33.84
N ASP B 80 21.90 -15.00 33.21
CA ASP B 80 21.85 -15.26 31.79
C ASP B 80 21.57 -13.97 31.03
N SER B 81 22.30 -13.74 29.94
CA SER B 81 22.19 -12.50 29.19
C SER B 81 22.34 -12.77 27.69
N PHE B 82 21.58 -12.02 26.90
CA PHE B 82 21.57 -12.16 25.45
C PHE B 82 20.82 -10.97 24.87
N VAL B 83 20.64 -10.97 23.55
CA VAL B 83 19.97 -9.89 22.84
C VAL B 83 18.89 -10.49 21.94
N ILE B 84 17.68 -9.95 22.04
CA ILE B 84 16.57 -10.29 21.16
C ILE B 84 15.88 -8.99 20.75
N ARG B 85 14.95 -9.09 19.82
CA ARG B 85 14.19 -7.91 19.43
C ARG B 85 12.96 -7.74 20.31
N GLY B 86 12.39 -6.53 20.27
CA GLY B 86 11.44 -6.12 21.29
C GLY B 86 10.24 -7.03 21.42
N ASP B 87 9.66 -7.42 20.28
CA ASP B 87 8.44 -8.24 20.31
C ASP B 87 8.69 -9.66 20.81
N GLU B 88 9.93 -10.01 21.17
CA GLU B 88 10.24 -11.34 21.68
C GLU B 88 10.55 -11.36 23.17
N VAL B 89 10.61 -10.20 23.83
CA VAL B 89 10.86 -10.17 25.27
C VAL B 89 9.76 -10.90 26.03
N ARG B 90 8.53 -10.88 25.50
CA ARG B 90 7.43 -11.60 26.12
C ARG B 90 7.67 -13.10 26.16
N GLN B 91 8.53 -13.63 25.28
CA GLN B 91 8.83 -15.05 25.28
C GLN B 91 9.75 -15.47 26.41
N ILE B 92 10.44 -14.51 27.05
CA ILE B 92 11.33 -14.83 28.17
C ILE B 92 10.47 -14.80 29.42
N ALA B 93 9.78 -15.93 29.66
CA ALA B 93 8.84 -16.08 30.75
C ALA B 93 8.40 -17.54 30.84
N PRO B 94 8.02 -18.02 32.02
CA PRO B 94 7.58 -19.42 32.13
C PRO B 94 6.29 -19.67 31.36
N GLY B 95 6.29 -20.73 30.55
CA GLY B 95 5.09 -21.14 29.86
C GLY B 95 4.79 -20.39 28.57
N GLN B 96 5.82 -19.98 27.84
CA GLN B 96 5.66 -19.27 26.58
C GLN B 96 6.10 -20.16 25.42
N THR B 97 5.54 -19.89 24.25
CA THR B 97 5.93 -20.56 23.02
C THR B 97 6.35 -19.52 21.98
N GLY B 98 7.12 -19.97 21.00
CA GLY B 98 7.65 -19.09 19.98
C GLY B 98 9.07 -19.49 19.59
N LYS B 99 9.63 -18.80 18.59
CA LYS B 99 10.95 -19.17 18.09
C LYS B 99 12.02 -19.07 19.18
N ILE B 100 11.95 -18.03 20.00
CA ILE B 100 12.98 -17.82 21.03
C ILE B 100 12.80 -18.83 22.17
N ALA B 101 11.58 -19.00 22.64
CA ALA B 101 11.34 -19.85 23.80
C ALA B 101 11.55 -21.33 23.44
N ASP B 102 11.18 -21.73 22.22
CA ASP B 102 11.29 -23.13 21.85
C ASP B 102 12.71 -23.52 21.44
N TYR B 103 13.39 -22.66 20.67
CA TYR B 103 14.64 -23.04 20.03
C TYR B 103 15.88 -22.36 20.60
N ASN B 104 15.73 -21.28 21.36
CA ASN B 104 16.88 -20.49 21.78
C ASN B 104 17.07 -20.44 23.29
N TYR B 105 16.02 -20.11 24.05
CA TYR B 105 16.14 -19.96 25.49
C TYR B 105 14.80 -20.27 26.13
N LYS B 106 14.75 -21.33 26.93
CA LYS B 106 13.52 -21.82 27.53
C LYS B 106 13.61 -21.69 29.04
N LEU B 107 12.58 -21.09 29.64
CA LEU B 107 12.48 -21.04 31.10
C LEU B 107 11.55 -22.13 31.60
N PRO B 108 11.85 -22.73 32.75
CA PRO B 108 10.95 -23.77 33.28
C PRO B 108 9.67 -23.17 33.82
N ASP B 109 8.64 -24.00 33.87
CA ASP B 109 7.35 -23.55 34.39
C ASP B 109 7.43 -23.18 35.87
N ASP B 110 8.27 -23.88 36.64
CA ASP B 110 8.48 -23.57 38.04
C ASP B 110 9.64 -22.60 38.25
N PHE B 111 9.89 -21.71 37.30
CA PHE B 111 11.03 -20.81 37.35
C PHE B 111 11.00 -19.95 38.61
N THR B 112 12.17 -19.81 39.24
CA THR B 112 12.36 -18.97 40.42
C THR B 112 13.44 -17.95 40.09
N GLY B 113 13.04 -16.69 39.88
CA GLY B 113 13.99 -15.65 39.56
C GLY B 113 13.29 -14.43 38.98
N CYS B 114 14.07 -13.64 38.25
CA CYS B 114 13.58 -12.41 37.66
C CYS B 114 14.11 -12.27 36.24
N VAL B 115 13.31 -11.62 35.39
CA VAL B 115 13.66 -11.38 33.99
C VAL B 115 13.73 -9.87 33.79
N ILE B 116 14.89 -9.37 33.37
CA ILE B 116 15.13 -7.94 33.21
C ILE B 116 15.52 -7.67 31.77
N ALA B 117 14.93 -6.63 31.19
CA ALA B 117 15.21 -6.25 29.81
C ALA B 117 15.15 -4.74 29.66
N TRP B 118 15.89 -4.21 28.70
CA TRP B 118 15.89 -2.78 28.42
C TRP B 118 16.29 -2.54 26.98
N ASN B 119 15.68 -1.50 26.39
CA ASN B 119 15.95 -1.15 24.99
C ASN B 119 17.40 -0.74 24.82
N SER B 120 18.06 -1.32 23.83
CA SER B 120 19.47 -1.06 23.54
C SER B 120 19.65 -0.62 22.09
N ASN B 121 18.69 0.14 21.56
CA ASN B 121 18.81 0.64 20.20
C ASN B 121 20.03 1.53 20.02
N ASN B 122 20.42 2.26 21.07
CA ASN B 122 21.56 3.16 20.97
C ASN B 122 22.89 2.43 20.88
N LEU B 123 22.95 1.17 21.31
CA LEU B 123 24.19 0.41 21.34
C LEU B 123 24.29 -0.66 20.26
N ASP B 124 23.21 -1.39 20.01
CA ASP B 124 23.27 -2.58 19.18
C ASP B 124 22.75 -2.38 17.75
N SER B 125 22.17 -1.23 17.45
CA SER B 125 21.71 -0.92 16.10
CA SER B 125 21.71 -0.92 16.10
C SER B 125 22.73 -0.03 15.40
N LYS B 126 22.80 -0.16 14.08
CA LYS B 126 23.76 0.58 13.28
C LYS B 126 23.15 0.92 11.94
N VAL B 127 23.45 2.11 11.43
CA VAL B 127 23.01 2.49 10.10
C VAL B 127 23.62 1.54 9.09
N GLY B 128 22.80 1.05 8.16
CA GLY B 128 23.16 -0.04 7.30
C GLY B 128 22.82 -1.40 7.87
N GLY B 129 22.75 -1.51 9.20
CA GLY B 129 22.30 -2.74 9.84
C GLY B 129 23.39 -3.49 10.58
N ASN B 130 23.15 -3.75 11.87
CA ASN B 130 23.99 -4.66 12.63
C ASN B 130 23.49 -6.08 12.43
N TYR B 131 24.42 -7.01 12.18
CA TYR B 131 24.05 -8.40 11.90
C TYR B 131 24.89 -9.38 12.72
N ASN B 132 25.49 -8.91 13.81
CA ASN B 132 26.28 -9.81 14.66
C ASN B 132 25.38 -10.73 15.46
N TYR B 133 24.24 -10.23 15.93
CA TYR B 133 23.34 -11.01 16.76
C TYR B 133 22.55 -12.00 15.92
N LEU B 134 22.56 -13.26 16.33
CA LEU B 134 21.88 -14.33 15.62
C LEU B 134 20.84 -14.99 16.51
N TYR B 135 20.00 -15.81 15.88
CA TYR B 135 19.02 -16.62 16.59
C TYR B 135 18.81 -17.91 15.83
N ARG B 136 18.40 -18.95 16.54
CA ARG B 136 18.14 -20.25 15.92
C ARG B 136 16.74 -20.24 15.31
N LEU B 137 16.67 -20.49 14.00
CA LEU B 137 15.41 -20.43 13.27
C LEU B 137 14.70 -21.78 13.22
N PHE B 138 15.45 -22.87 13.12
CA PHE B 138 14.88 -24.20 13.00
C PHE B 138 15.51 -25.14 14.00
N ARG B 139 14.70 -26.10 14.45
CA ARG B 139 15.18 -27.16 15.33
C ARG B 139 14.18 -28.30 15.30
N LYS B 140 14.71 -29.53 15.41
CA LYS B 140 13.87 -30.71 15.34
C LYS B 140 12.95 -30.85 16.52
N SER B 141 13.32 -30.30 17.67
CA SER B 141 12.50 -30.42 18.87
C SER B 141 12.76 -29.21 19.75
N ASN B 142 11.86 -29.01 20.72
CA ASN B 142 11.97 -27.89 21.64
C ASN B 142 13.13 -28.10 22.61
N LEU B 143 13.60 -26.99 23.16
CA LEU B 143 14.61 -27.03 24.21
C LEU B 143 13.98 -27.36 25.55
N LYS B 144 14.66 -28.20 26.32
CA LYS B 144 14.32 -28.34 27.72
C LYS B 144 14.75 -27.07 28.46
N PRO B 145 14.14 -26.78 29.61
CA PRO B 145 14.50 -25.56 30.33
C PRO B 145 15.99 -25.44 30.60
N PHE B 146 16.53 -24.25 30.34
CA PHE B 146 17.93 -23.91 30.54
C PHE B 146 18.87 -24.74 29.66
N GLU B 147 18.37 -25.28 28.55
CA GLU B 147 19.22 -25.99 27.60
C GLU B 147 19.81 -25.02 26.60
N ARG B 148 21.06 -25.27 26.22
CA ARG B 148 21.79 -24.41 25.30
C ARG B 148 22.21 -25.23 24.09
N ASP B 149 21.82 -24.78 22.89
CA ASP B 149 22.16 -25.44 21.63
C ASP B 149 22.99 -24.48 20.79
N ILE B 150 24.25 -24.81 20.57
CA ILE B 150 25.14 -24.01 19.73
C ILE B 150 25.61 -24.80 18.52
N SER B 151 24.88 -25.84 18.13
CA SER B 151 25.24 -26.60 16.94
C SER B 151 24.83 -25.85 15.68
N THR B 152 25.51 -26.18 14.58
CA THR B 152 25.27 -25.53 13.30
C THR B 152 24.96 -26.55 12.20
N GLU B 153 24.37 -27.68 12.58
CA GLU B 153 24.08 -28.73 11.61
C GLU B 153 22.96 -28.29 10.68
N ILE B 154 23.09 -28.64 9.40
CA ILE B 154 22.10 -28.23 8.41
C ILE B 154 20.77 -28.89 8.75
N TYR B 155 19.71 -28.08 8.74
CA TYR B 155 18.37 -28.55 9.09
C TYR B 155 17.75 -29.26 7.89
N GLN B 156 17.27 -30.48 8.12
CA GLN B 156 16.63 -31.29 7.08
C GLN B 156 15.12 -31.09 7.19
N ALA B 157 14.57 -30.23 6.33
CA ALA B 157 13.13 -29.98 6.35
C ALA B 157 12.35 -30.97 5.50
N GLY B 158 13.02 -31.73 4.65
CA GLY B 158 12.37 -32.73 3.83
C GLY B 158 12.75 -34.14 4.23
N SER B 159 12.78 -35.05 3.26
CA SER B 159 13.12 -36.44 3.51
C SER B 159 14.44 -36.88 2.88
N THR B 160 15.00 -36.08 1.98
CA THR B 160 16.32 -36.41 1.45
C THR B 160 17.40 -35.85 2.38
N PRO B 161 18.37 -36.66 2.79
CA PRO B 161 19.39 -36.17 3.71
C PRO B 161 20.20 -35.03 3.10
N CYS B 162 20.55 -34.07 3.95
CA CYS B 162 21.29 -32.90 3.48
C CYS B 162 22.78 -33.19 3.32
N ASN B 163 23.29 -34.17 4.07
CA ASN B 163 24.72 -34.50 4.05
C ASN B 163 25.56 -33.26 4.30
N GLY B 164 25.07 -32.39 5.17
CA GLY B 164 25.78 -31.16 5.44
C GLY B 164 25.90 -30.26 4.23
N VAL B 165 24.85 -30.17 3.43
CA VAL B 165 24.83 -29.29 2.25
C VAL B 165 23.55 -28.48 2.28
N GLU B 166 23.68 -27.15 2.28
CA GLU B 166 22.53 -26.29 2.11
C GLU B 166 21.89 -26.51 0.75
N GLY B 167 20.56 -26.53 0.71
CA GLY B 167 19.85 -26.73 -0.54
C GLY B 167 18.36 -26.81 -0.40
N PHE B 168 17.71 -27.54 -1.31
CA PHE B 168 16.26 -27.70 -1.29
C PHE B 168 15.85 -28.47 -0.05
N ASN B 169 14.97 -27.88 0.76
CA ASN B 169 14.53 -28.43 2.04
C ASN B 169 15.68 -28.69 3.00
N CYS B 170 16.81 -28.01 2.79
CA CYS B 170 18.01 -28.17 3.60
C CYS B 170 18.54 -26.79 3.94
N TYR B 171 18.40 -26.38 5.19
CA TYR B 171 18.65 -25.01 5.61
C TYR B 171 19.70 -24.95 6.71
N PHE B 172 20.50 -23.88 6.66
CA PHE B 172 21.35 -23.54 7.79
C PHE B 172 20.46 -23.07 8.94
N PRO B 173 20.63 -23.60 10.15
CA PRO B 173 19.63 -23.38 11.21
C PRO B 173 19.69 -22.01 11.87
N LEU B 174 20.73 -21.22 11.65
CA LEU B 174 20.88 -19.93 12.31
C LEU B 174 20.56 -18.80 11.34
N GLN B 175 19.92 -17.75 11.86
CA GLN B 175 19.56 -16.57 11.10
C GLN B 175 19.96 -15.34 11.87
N SER B 176 20.39 -14.30 11.16
CA SER B 176 20.89 -13.08 11.78
C SER B 176 19.76 -12.08 11.99
N TYR B 177 19.84 -11.35 13.11
CA TYR B 177 19.00 -10.19 13.31
C TYR B 177 19.49 -9.03 12.46
N GLY B 178 18.55 -8.19 12.03
CA GLY B 178 18.91 -6.95 11.37
C GLY B 178 18.46 -5.76 12.18
N PHE B 179 19.40 -5.04 12.77
CA PHE B 179 19.09 -3.96 13.71
C PHE B 179 19.52 -2.63 13.11
N GLN B 180 18.58 -1.95 12.48
CA GLN B 180 18.77 -0.57 12.07
C GLN B 180 18.14 0.36 13.09
N PRO B 181 18.74 1.54 13.34
CA PRO B 181 18.18 2.44 14.36
C PRO B 181 16.81 2.98 14.02
N THR B 182 16.38 2.91 12.77
CA THR B 182 15.08 3.43 12.35
C THR B 182 13.96 2.40 12.45
N ASN B 183 14.24 1.20 12.96
CA ASN B 183 13.21 0.19 13.08
C ASN B 183 12.19 0.58 14.14
N GLY B 184 10.99 0.02 14.01
CA GLY B 184 9.99 0.16 15.05
C GLY B 184 10.41 -0.51 16.34
N VAL B 185 9.72 -0.14 17.42
CA VAL B 185 10.12 -0.61 18.75
C VAL B 185 10.13 -2.14 18.80
N GLY B 186 9.17 -2.79 18.13
CA GLY B 186 9.09 -4.25 18.19
C GLY B 186 10.26 -4.95 17.53
N TYR B 187 10.90 -4.28 16.57
CA TYR B 187 12.05 -4.84 15.85
C TYR B 187 13.38 -4.30 16.36
N GLN B 188 13.36 -3.47 17.42
CA GLN B 188 14.58 -2.92 17.96
C GLN B 188 15.23 -3.90 18.92
N PRO B 189 16.56 -3.86 19.07
CA PRO B 189 17.24 -4.81 19.96
C PRO B 189 17.02 -4.47 21.41
N TYR B 190 16.86 -5.52 22.22
CA TYR B 190 16.70 -5.40 23.67
C TYR B 190 17.68 -6.33 24.35
N ARG B 191 18.36 -5.82 25.37
CA ARG B 191 19.28 -6.62 26.17
C ARG B 191 18.54 -7.19 27.36
N VAL B 192 18.66 -8.50 27.56
CA VAL B 192 17.89 -9.24 28.56
C VAL B 192 18.86 -9.87 29.55
N VAL B 193 18.50 -9.80 30.84
CA VAL B 193 19.25 -10.46 31.90
C VAL B 193 18.27 -11.29 32.72
N VAL B 194 18.48 -12.61 32.74
CA VAL B 194 17.67 -13.51 33.53
C VAL B 194 18.48 -13.94 34.75
N LEU B 195 17.94 -13.66 35.94
CA LEU B 195 18.59 -14.01 37.19
C LEU B 195 17.89 -15.23 37.78
N SER B 196 18.64 -16.31 37.98
CA SER B 196 18.13 -17.53 38.57
C SER B 196 18.67 -17.66 39.99
N PHE B 197 17.78 -17.93 40.94
CA PHE B 197 18.14 -18.09 42.34
C PHE B 197 18.01 -19.56 42.71
N GLU B 198 19.14 -20.20 43.00
CA GLU B 198 19.19 -21.62 43.29
C GLU B 198 19.32 -21.85 44.79
N LEU B 199 18.61 -22.86 45.29
CA LEU B 199 18.59 -23.16 46.72
C LEU B 199 18.76 -24.67 46.90
N LEU B 200 20.00 -25.10 47.13
CA LEU B 200 20.29 -26.49 47.46
C LEU B 200 20.45 -26.65 48.97
N HIS B 201 20.44 -27.90 49.40
CA HIS B 201 20.76 -28.22 50.79
C HIS B 201 22.26 -28.05 50.96
N ALA B 202 22.71 -26.80 51.04
CA ALA B 202 24.09 -26.45 50.70
C ALA B 202 24.52 -25.14 51.40
N PRO B 203 25.79 -24.72 51.26
CA PRO B 203 26.28 -23.54 52.02
C PRO B 203 25.39 -22.29 52.02
N ALA B 204 24.73 -21.94 50.91
CA ALA B 204 23.96 -20.70 50.80
C ALA B 204 24.84 -19.48 51.01
N THR B 205 25.75 -19.26 50.05
CA THR B 205 26.82 -18.28 50.16
C THR B 205 26.45 -16.87 49.69
N VAL B 206 25.32 -16.69 49.01
CA VAL B 206 24.97 -15.35 48.51
C VAL B 206 23.75 -14.82 49.24
N CYS B 207 23.98 -14.03 50.29
CA CYS B 207 22.88 -13.45 51.06
C CYS B 207 22.51 -12.05 50.57
N GLY B 208 23.45 -11.11 50.68
CA GLY B 208 23.25 -9.80 50.12
C GLY B 208 22.24 -8.92 50.85
N PRO B 209 22.58 -8.45 52.06
CA PRO B 209 21.77 -7.40 52.70
C PRO B 209 21.56 -6.17 51.80
C1 NAG C . 22.02 14.30 1.53
C2 NAG C . 22.36 14.36 3.03
C3 NAG C . 23.85 14.57 3.26
C4 NAG C . 24.65 13.53 2.51
C5 NAG C . 24.30 13.60 1.03
C6 NAG C . 25.02 12.57 0.19
C7 NAG C . 20.66 15.20 4.61
C8 NAG C . 20.01 16.40 5.20
N2 NAG C . 21.61 15.42 3.70
O3 NAG C . 24.14 14.49 4.65
O4 NAG C . 26.05 13.75 2.68
O5 NAG C . 22.90 13.36 0.86
O6 NAG C . 24.46 12.48 -1.12
O7 NAG C . 20.34 14.05 4.94
C1 NAG D . -1.56 -22.57 8.27
C2 NAG D . -2.55 -22.99 9.33
C3 NAG D . -2.59 -21.94 10.43
C4 NAG D . -1.19 -21.71 10.98
C5 NAG D . -0.19 -21.41 9.87
C6 NAG D . 1.24 -21.39 10.35
C7 NAG D . -4.34 -24.41 8.44
C8 NAG D . -5.73 -24.44 7.88
N2 NAG D . -3.87 -23.20 8.78
O3 NAG D . -3.47 -22.36 11.47
O4 NAG D . -1.20 -20.60 11.89
O5 NAG D . -0.26 -22.43 8.85
O6 NAG D . 1.78 -22.71 10.38
O7 NAG D . -3.67 -25.42 8.58
ZN ZN E . -3.36 7.39 -2.13
#